data_1IYC
#
_entry.id   1IYC
#
_entity_poly.entity_id   1
_entity_poly.type   'polypeptide(L)'
_entity_poly.pdbx_seq_one_letter_code
;ELPKLPDDKVLIRSRSNCPKGKVWNGFDCKSPFAFS
;
_entity_poly.pdbx_strand_id   A
#
# COMPACT_ATOMS: atom_id res chain seq x y z
N GLU A 1 -8.45 -10.05 1.78
CA GLU A 1 -7.11 -10.66 1.56
C GLU A 1 -6.19 -10.41 2.74
N LEU A 2 -5.47 -11.45 3.16
CA LEU A 2 -4.56 -11.33 4.29
C LEU A 2 -3.31 -10.56 3.92
N PRO A 3 -2.71 -10.88 2.76
CA PRO A 3 -1.50 -10.22 2.28
C PRO A 3 -1.81 -8.97 1.46
N LYS A 4 -1.48 -7.81 2.02
CA LYS A 4 -1.72 -6.54 1.34
C LYS A 4 -0.90 -6.42 0.06
N LEU A 5 -1.55 -6.64 -1.09
CA LEU A 5 -0.88 -6.53 -2.37
C LEU A 5 -1.83 -6.10 -3.49
N PRO A 6 -2.80 -5.18 -3.22
CA PRO A 6 -3.73 -4.72 -4.24
C PRO A 6 -3.21 -3.47 -4.93
N ASP A 7 -4.08 -2.79 -5.67
CA ASP A 7 -3.70 -1.57 -6.36
C ASP A 7 -4.87 -1.01 -7.16
N ASP A 8 -5.62 -1.89 -7.81
CA ASP A 8 -6.76 -1.49 -8.62
C ASP A 8 -8.01 -2.25 -8.19
N LYS A 9 -8.22 -2.36 -6.89
CA LYS A 9 -9.37 -3.08 -6.36
C LYS A 9 -10.04 -2.29 -5.24
N VAL A 10 -9.31 -2.10 -4.14
CA VAL A 10 -9.83 -1.38 -3.00
C VAL A 10 -8.83 -0.33 -2.51
N LEU A 11 -7.54 -0.66 -2.58
CA LEU A 11 -6.50 0.24 -2.14
C LEU A 11 -6.90 1.01 -0.89
N ILE A 12 -7.45 0.30 0.09
CA ILE A 12 -7.89 0.93 1.33
C ILE A 12 -6.70 1.40 2.16
N ARG A 13 -6.57 2.70 2.33
CA ARG A 13 -5.48 3.26 3.12
C ARG A 13 -5.61 2.78 4.56
N SER A 14 -6.82 2.33 4.90
CA SER A 14 -7.13 1.83 6.24
C SER A 14 -5.89 1.34 6.96
N ARG A 15 -5.54 0.09 6.70
CA ARG A 15 -4.36 -0.52 7.32
C ARG A 15 -4.15 -1.92 6.80
N SER A 16 -4.47 -2.10 5.54
CA SER A 16 -4.33 -3.41 4.90
C SER A 16 -4.47 -3.30 3.38
N ASN A 17 -3.71 -2.41 2.76
CA ASN A 17 -3.79 -2.25 1.32
C ASN A 17 -2.66 -1.38 0.76
N CYS A 18 -2.46 -1.50 -0.54
CA CYS A 18 -1.44 -0.74 -1.25
C CYS A 18 -2.06 -0.10 -2.49
N PRO A 19 -2.00 1.24 -2.60
CA PRO A 19 -2.58 1.99 -3.71
C PRO A 19 -2.09 1.55 -5.08
N LYS A 20 -2.59 2.19 -6.12
CA LYS A 20 -2.21 1.89 -7.49
C LYS A 20 -0.69 1.98 -7.64
N GLY A 21 -0.10 1.01 -8.36
CA GLY A 21 1.34 1.02 -8.56
C GLY A 21 2.06 1.59 -7.36
N LYS A 22 2.27 0.76 -6.34
CA LYS A 22 2.90 1.21 -5.13
C LYS A 22 3.93 0.20 -4.63
N VAL A 23 4.32 0.33 -3.37
CA VAL A 23 5.31 -0.57 -2.79
C VAL A 23 5.31 -0.50 -1.26
N TRP A 24 5.15 -1.64 -0.62
CA TRP A 24 5.13 -1.70 0.83
C TRP A 24 6.51 -1.41 1.42
N ASN A 25 6.51 -1.20 2.71
CA ASN A 25 7.72 -0.89 3.46
C ASN A 25 7.59 -1.46 4.87
N GLY A 26 8.65 -1.33 5.66
CA GLY A 26 8.63 -1.84 7.02
C GLY A 26 7.24 -1.89 7.65
N PHE A 27 6.38 -0.92 7.33
CA PHE A 27 5.04 -0.89 7.90
C PHE A 27 4.11 0.01 7.09
N ASP A 28 4.11 -0.12 5.76
CA ASP A 28 3.25 0.74 4.94
C ASP A 28 3.20 0.31 3.48
N CYS A 29 1.99 0.16 2.95
CA CYS A 29 1.81 -0.23 1.55
C CYS A 29 1.52 0.99 0.70
N LYS A 30 2.55 1.56 0.08
CA LYS A 30 2.35 2.75 -0.76
C LYS A 30 3.52 2.98 -1.70
N SER A 31 3.29 3.87 -2.66
CA SER A 31 4.28 4.19 -3.67
C SER A 31 5.64 4.48 -3.05
N PRO A 32 6.71 4.35 -3.84
CA PRO A 32 8.07 4.61 -3.39
C PRO A 32 8.36 6.09 -3.26
N PHE A 33 7.52 6.90 -3.88
CA PHE A 33 7.68 8.34 -3.82
C PHE A 33 7.66 8.79 -2.37
N ALA A 34 6.99 8.01 -1.53
CA ALA A 34 6.88 8.32 -0.11
C ALA A 34 7.66 7.32 0.74
N PHE A 35 8.82 6.92 0.24
CA PHE A 35 9.67 5.97 0.95
C PHE A 35 11.06 5.92 0.33
N SER A 36 11.10 5.94 -1.00
CA SER A 36 12.36 5.90 -1.73
C SER A 36 13.13 7.22 -1.57
N GLU A 1 -2.17 -11.28 9.83
CA GLU A 1 -1.65 -10.37 8.78
C GLU A 1 -2.73 -10.03 7.75
N LEU A 2 -2.61 -8.86 7.13
CA LEU A 2 -3.57 -8.43 6.13
C LEU A 2 -2.94 -8.43 4.73
N PRO A 3 -3.74 -8.75 3.70
CA PRO A 3 -3.26 -8.80 2.32
C PRO A 3 -2.91 -7.41 1.79
N LYS A 4 -1.97 -6.75 2.46
CA LYS A 4 -1.54 -5.42 2.07
C LYS A 4 -0.89 -5.42 0.69
N LEU A 5 -1.63 -5.87 -0.33
CA LEU A 5 -1.10 -5.91 -1.68
C LEU A 5 -2.16 -5.58 -2.75
N PRO A 6 -3.25 -4.84 -2.40
CA PRO A 6 -4.28 -4.49 -3.38
C PRO A 6 -3.90 -3.29 -4.23
N ASP A 7 -4.73 -2.99 -5.24
CA ASP A 7 -4.47 -1.86 -6.12
C ASP A 7 -5.56 -1.75 -7.19
N ASP A 8 -6.64 -1.06 -6.86
CA ASP A 8 -7.75 -0.89 -7.79
C ASP A 8 -8.42 0.48 -7.59
N LYS A 9 -7.63 1.44 -7.12
CA LYS A 9 -8.13 2.79 -6.89
C LYS A 9 -9.33 2.76 -5.95
N VAL A 10 -9.48 1.65 -5.24
CA VAL A 10 -10.58 1.48 -4.29
C VAL A 10 -10.05 1.05 -2.92
N LEU A 11 -8.74 0.82 -2.84
CA LEU A 11 -8.10 0.39 -1.62
C LEU A 11 -8.49 1.27 -0.44
N ILE A 12 -7.83 1.04 0.69
CA ILE A 12 -8.11 1.79 1.91
C ILE A 12 -6.82 2.28 2.56
N ARG A 13 -6.68 3.58 2.70
CA ARG A 13 -5.51 4.16 3.34
C ARG A 13 -5.48 3.73 4.81
N SER A 14 -6.62 3.23 5.29
CA SER A 14 -6.79 2.78 6.66
C SER A 14 -5.46 2.34 7.27
N ARG A 15 -5.10 1.09 7.05
CA ARG A 15 -3.86 0.55 7.58
C ARG A 15 -3.67 -0.89 7.14
N SER A 16 -4.11 -1.17 5.94
CA SER A 16 -3.99 -2.51 5.38
C SER A 16 -4.35 -2.51 3.89
N ASN A 17 -3.74 -1.60 3.14
CA ASN A 17 -4.01 -1.49 1.73
C ASN A 17 -3.00 -0.61 1.02
N CYS A 18 -2.69 -0.95 -0.24
CA CYS A 18 -1.75 -0.18 -1.04
C CYS A 18 -2.46 0.43 -2.24
N PRO A 19 -2.08 1.64 -2.66
CA PRO A 19 -2.70 2.29 -3.81
C PRO A 19 -2.32 1.60 -5.11
N LYS A 20 -2.37 2.33 -6.22
CA LYS A 20 -2.02 1.77 -7.52
C LYS A 20 -0.52 1.89 -7.76
N GLY A 21 0.08 0.84 -8.32
CA GLY A 21 1.50 0.87 -8.58
C GLY A 21 2.28 1.38 -7.40
N LYS A 22 2.12 0.71 -6.26
CA LYS A 22 2.79 1.12 -5.03
C LYS A 22 3.85 0.11 -4.62
N VAL A 23 4.34 0.25 -3.40
CA VAL A 23 5.36 -0.61 -2.86
C VAL A 23 5.39 -0.51 -1.34
N TRP A 24 5.13 -1.61 -0.65
CA TRP A 24 5.12 -1.62 0.79
C TRP A 24 6.52 -1.42 1.35
N ASN A 25 6.57 -1.17 2.63
CA ASN A 25 7.81 -0.92 3.33
C ASN A 25 7.72 -1.45 4.76
N GLY A 26 8.78 -1.29 5.52
CA GLY A 26 8.79 -1.78 6.89
C GLY A 26 7.43 -1.82 7.56
N PHE A 27 6.54 -0.87 7.26
CA PHE A 27 5.23 -0.86 7.88
C PHE A 27 4.24 0.04 7.13
N ASP A 28 4.20 -0.06 5.80
CA ASP A 28 3.28 0.76 5.01
C ASP A 28 3.22 0.32 3.55
N CYS A 29 2.06 0.50 2.93
CA CYS A 29 1.88 0.10 1.52
C CYS A 29 1.71 1.32 0.63
N LYS A 30 2.77 1.75 -0.03
CA LYS A 30 2.70 2.91 -0.90
C LYS A 30 3.90 3.00 -1.84
N SER A 31 3.67 3.49 -3.06
CA SER A 31 4.74 3.64 -4.04
C SER A 31 5.99 4.21 -3.38
N PRO A 32 7.11 4.24 -4.11
CA PRO A 32 8.37 4.76 -3.59
C PRO A 32 8.30 6.26 -3.27
N PHE A 33 7.24 6.89 -3.74
CA PHE A 33 7.05 8.30 -3.50
C PHE A 33 6.84 8.56 -2.01
N ALA A 34 6.52 7.49 -1.29
CA ALA A 34 6.28 7.59 0.15
C ALA A 34 7.22 6.67 0.93
N PHE A 35 8.47 6.65 0.53
CA PHE A 35 9.48 5.82 1.19
C PHE A 35 10.89 6.23 0.78
N SER A 36 11.09 7.53 0.60
CA SER A 36 12.39 8.06 0.21
C SER A 36 12.89 9.09 1.22
N GLU A 1 -3.68 -13.54 4.16
CA GLU A 1 -3.77 -12.05 4.04
C GLU A 1 -2.69 -11.36 4.86
N LEU A 2 -1.44 -11.57 4.48
CA LEU A 2 -0.31 -10.96 5.18
C LEU A 2 0.35 -9.89 4.33
N PRO A 3 0.87 -10.26 3.16
CA PRO A 3 1.52 -9.32 2.25
C PRO A 3 0.53 -8.69 1.29
N LYS A 4 -0.17 -7.65 1.75
CA LYS A 4 -1.17 -6.97 0.94
C LYS A 4 -0.55 -6.42 -0.34
N LEU A 5 -1.30 -6.53 -1.43
CA LEU A 5 -0.87 -6.04 -2.72
C LEU A 5 -2.07 -5.74 -3.62
N PRO A 6 -3.10 -5.08 -3.08
CA PRO A 6 -4.29 -4.74 -3.85
C PRO A 6 -4.22 -3.36 -4.48
N ASP A 7 -5.27 -2.99 -5.20
CA ASP A 7 -5.33 -1.69 -5.86
C ASP A 7 -6.63 -1.54 -6.64
N ASP A 8 -7.34 -0.44 -6.38
CA ASP A 8 -8.61 -0.18 -7.05
C ASP A 8 -9.15 1.20 -6.69
N LYS A 9 -8.30 2.22 -6.84
CA LYS A 9 -8.70 3.59 -6.53
C LYS A 9 -9.65 3.63 -5.35
N VAL A 10 -9.45 2.71 -4.40
CA VAL A 10 -10.28 2.62 -3.23
C VAL A 10 -9.49 2.07 -2.04
N LEU A 11 -9.13 0.80 -2.13
CA LEU A 11 -8.35 0.12 -1.09
C LEU A 11 -8.76 0.57 0.31
N ILE A 12 -7.99 0.16 1.31
CA ILE A 12 -8.26 0.53 2.70
C ILE A 12 -7.02 1.06 3.38
N ARG A 13 -6.96 2.37 3.57
CA ARG A 13 -5.83 2.97 4.23
C ARG A 13 -5.63 2.34 5.60
N SER A 14 -6.69 1.69 6.09
CA SER A 14 -6.68 1.00 7.38
C SER A 14 -5.26 0.58 7.77
N ARG A 15 -4.86 -0.58 7.29
CA ARG A 15 -3.53 -1.09 7.58
C ARG A 15 -3.31 -2.41 6.88
N SER A 16 -3.89 -2.54 5.70
CA SER A 16 -3.76 -3.77 4.93
C SER A 16 -4.09 -3.56 3.46
N ASN A 17 -3.58 -2.48 2.87
CA ASN A 17 -3.84 -2.20 1.47
C ASN A 17 -2.79 -1.27 0.87
N CYS A 18 -2.58 -1.42 -0.43
CA CYS A 18 -1.60 -0.61 -1.15
C CYS A 18 -2.25 0.03 -2.37
N PRO A 19 -2.11 1.36 -2.53
CA PRO A 19 -2.69 2.09 -3.65
C PRO A 19 -2.28 1.52 -5.00
N LYS A 20 -2.67 2.19 -6.07
CA LYS A 20 -2.32 1.76 -7.41
C LYS A 20 -0.81 1.86 -7.62
N GLY A 21 -0.25 0.93 -8.40
CA GLY A 21 1.17 0.93 -8.67
C GLY A 21 1.96 1.49 -7.49
N LYS A 22 2.07 0.70 -6.43
CA LYS A 22 2.77 1.13 -5.24
C LYS A 22 3.75 0.06 -4.75
N VAL A 23 4.21 0.21 -3.51
CA VAL A 23 5.17 -0.72 -2.93
C VAL A 23 5.25 -0.60 -1.42
N TRP A 24 5.05 -1.68 -0.72
CA TRP A 24 5.10 -1.65 0.73
C TRP A 24 6.51 -1.43 1.23
N ASN A 25 6.60 -1.11 2.50
CA ASN A 25 7.87 -0.85 3.16
C ASN A 25 7.79 -1.27 4.61
N GLY A 26 8.86 -1.05 5.35
CA GLY A 26 8.90 -1.43 6.75
C GLY A 26 7.54 -1.45 7.44
N PHE A 27 6.64 -0.52 7.09
CA PHE A 27 5.34 -0.48 7.73
C PHE A 27 4.32 0.34 6.93
N ASP A 28 4.29 0.17 5.61
CA ASP A 28 3.35 0.94 4.79
C ASP A 28 3.29 0.46 3.36
N CYS A 29 2.07 0.35 2.82
CA CYS A 29 1.86 -0.09 1.44
C CYS A 29 1.60 1.12 0.55
N LYS A 30 2.63 1.65 -0.09
CA LYS A 30 2.48 2.81 -0.98
C LYS A 30 3.64 2.96 -1.94
N SER A 31 3.44 3.81 -2.92
CA SER A 31 4.45 4.05 -3.95
C SER A 31 5.84 4.24 -3.35
N PRO A 32 6.87 4.24 -4.21
CA PRO A 32 8.26 4.42 -3.79
C PRO A 32 8.58 5.86 -3.45
N PHE A 33 7.69 6.76 -3.85
CA PHE A 33 7.86 8.17 -3.56
C PHE A 33 7.81 8.40 -2.06
N ALA A 34 7.01 7.58 -1.39
CA ALA A 34 6.85 7.65 0.04
C ALA A 34 8.11 7.19 0.77
N PHE A 35 7.91 6.57 1.92
CA PHE A 35 9.00 6.06 2.77
C PHE A 35 10.31 5.95 2.00
N SER A 36 11.14 6.97 2.11
CA SER A 36 12.43 6.98 1.43
C SER A 36 13.58 6.96 2.44
N GLU A 1 -1.37 -8.20 9.06
CA GLU A 1 -2.18 -8.15 7.82
C GLU A 1 -1.33 -8.43 6.60
N LEU A 2 -1.63 -9.52 5.90
CA LEU A 2 -0.88 -9.89 4.71
C LEU A 2 -1.45 -9.21 3.47
N PRO A 3 -2.78 -9.19 3.34
CA PRO A 3 -3.47 -8.57 2.20
C PRO A 3 -2.98 -7.15 1.93
N LYS A 4 -1.82 -7.04 1.29
CA LYS A 4 -1.24 -5.75 0.97
C LYS A 4 -0.83 -5.65 -0.49
N LEU A 5 -1.74 -5.98 -1.39
CA LEU A 5 -1.46 -5.91 -2.82
C LEU A 5 -2.68 -5.47 -3.64
N PRO A 6 -3.54 -4.55 -3.13
CA PRO A 6 -4.71 -4.09 -3.86
C PRO A 6 -4.49 -2.74 -4.53
N ASP A 7 -5.51 -2.24 -5.23
CA ASP A 7 -5.43 -0.96 -5.90
C ASP A 7 -6.72 -0.65 -6.65
N ASP A 8 -7.37 0.46 -6.31
CA ASP A 8 -8.62 0.84 -6.95
C ASP A 8 -8.99 2.29 -6.65
N LYS A 9 -8.00 3.10 -6.31
CA LYS A 9 -8.22 4.50 -6.01
C LYS A 9 -9.04 4.68 -4.74
N VAL A 10 -9.29 3.57 -4.05
CA VAL A 10 -10.06 3.59 -2.82
C VAL A 10 -9.28 2.91 -1.70
N LEU A 11 -9.08 1.61 -1.85
CA LEU A 11 -8.33 0.82 -0.89
C LEU A 11 -8.57 1.26 0.55
N ILE A 12 -7.76 0.75 1.47
CA ILE A 12 -7.88 1.09 2.87
C ILE A 12 -6.51 1.38 3.49
N ARG A 13 -6.31 2.60 3.95
CA ARG A 13 -5.05 2.97 4.57
C ARG A 13 -4.84 2.17 5.84
N SER A 14 -5.95 1.62 6.36
CA SER A 14 -5.94 0.81 7.58
C SER A 14 -4.58 0.17 7.81
N ARG A 15 -4.38 -0.98 7.21
CA ARG A 15 -3.11 -1.70 7.35
C ARG A 15 -3.17 -3.00 6.56
N SER A 16 -3.85 -2.94 5.43
CA SER A 16 -3.99 -4.10 4.57
C SER A 16 -4.33 -3.70 3.15
N ASN A 17 -3.73 -2.61 2.69
CA ASN A 17 -3.98 -2.11 1.35
C ASN A 17 -2.86 -1.20 0.84
N CYS A 18 -2.81 -1.03 -0.48
CA CYS A 18 -1.81 -0.19 -1.14
C CYS A 18 -2.45 0.49 -2.34
N PRO A 19 -2.06 1.73 -2.66
CA PRO A 19 -2.62 2.45 -3.79
C PRO A 19 -2.27 1.78 -5.11
N LYS A 20 -2.34 2.53 -6.20
CA LYS A 20 -2.03 2.00 -7.51
C LYS A 20 -0.52 2.02 -7.75
N GLY A 21 0.02 0.94 -8.30
CA GLY A 21 1.45 0.88 -8.56
C GLY A 21 2.24 1.42 -7.38
N LYS A 22 2.20 0.69 -6.28
CA LYS A 22 2.88 1.09 -5.06
C LYS A 22 3.91 0.05 -4.62
N VAL A 23 4.39 0.20 -3.39
CA VAL A 23 5.37 -0.70 -2.83
C VAL A 23 5.42 -0.58 -1.31
N TRP A 24 5.16 -1.68 -0.63
CA TRP A 24 5.18 -1.68 0.83
C TRP A 24 6.57 -1.46 1.37
N ASN A 25 6.61 -1.14 2.65
CA ASN A 25 7.85 -0.87 3.35
C ASN A 25 7.77 -1.41 4.77
N GLY A 26 8.81 -1.17 5.55
CA GLY A 26 8.84 -1.66 6.92
C GLY A 26 7.48 -1.80 7.58
N PHE A 27 6.54 -0.90 7.29
CA PHE A 27 5.22 -0.98 7.91
C PHE A 27 4.18 -0.14 7.16
N ASP A 28 4.17 -0.22 5.83
CA ASP A 28 3.20 0.57 5.05
C ASP A 28 3.20 0.17 3.58
N CYS A 29 2.01 0.15 2.98
CA CYS A 29 1.87 -0.20 1.56
C CYS A 29 1.64 1.04 0.73
N LYS A 30 2.68 1.55 0.09
CA LYS A 30 2.57 2.74 -0.72
C LYS A 30 3.77 2.90 -1.67
N SER A 31 3.52 3.46 -2.84
CA SER A 31 4.57 3.69 -3.83
C SER A 31 5.87 4.15 -3.18
N PRO A 32 6.97 4.17 -3.95
CA PRO A 32 8.27 4.60 -3.44
C PRO A 32 8.36 6.10 -3.29
N PHE A 33 7.43 6.80 -3.92
CA PHE A 33 7.39 8.25 -3.85
C PHE A 33 7.15 8.68 -2.40
N ALA A 34 6.64 7.75 -1.59
CA ALA A 34 6.37 8.02 -0.19
C ALA A 34 7.16 7.08 0.72
N PHE A 35 8.44 6.91 0.42
CA PHE A 35 9.29 6.04 1.22
C PHE A 35 10.77 6.35 0.95
N SER A 36 11.12 7.63 0.95
CA SER A 36 12.49 8.05 0.72
C SER A 36 13.09 8.70 1.96
N GLU A 1 -1.90 -9.48 9.02
CA GLU A 1 -2.02 -8.29 8.15
C GLU A 1 -1.79 -8.64 6.68
N LEU A 2 -2.62 -9.55 6.16
CA LEU A 2 -2.51 -9.97 4.78
C LEU A 2 -2.98 -8.87 3.84
N PRO A 3 -4.13 -8.26 4.15
CA PRO A 3 -4.70 -7.18 3.36
C PRO A 3 -3.70 -6.06 3.09
N LYS A 4 -2.81 -6.29 2.13
CA LYS A 4 -1.80 -5.30 1.78
C LYS A 4 -1.41 -5.41 0.31
N LEU A 5 -2.39 -5.70 -0.54
CA LEU A 5 -2.15 -5.83 -1.96
C LEU A 5 -3.36 -5.40 -2.81
N PRO A 6 -4.11 -4.36 -2.41
CA PRO A 6 -5.26 -3.89 -3.17
C PRO A 6 -4.90 -2.70 -4.06
N ASP A 7 -5.89 -2.20 -4.80
CA ASP A 7 -5.67 -1.05 -5.69
C ASP A 7 -6.94 -0.70 -6.45
N ASP A 8 -7.40 0.54 -6.28
CA ASP A 8 -8.61 1.00 -6.95
C ASP A 8 -8.80 2.51 -6.77
N LYS A 9 -7.69 3.22 -6.63
CA LYS A 9 -7.73 4.67 -6.46
C LYS A 9 -8.59 5.05 -5.26
N VAL A 10 -8.87 4.09 -4.40
CA VAL A 10 -9.67 4.32 -3.20
C VAL A 10 -8.95 3.77 -1.97
N LEU A 11 -8.95 2.44 -1.85
CA LEU A 11 -8.28 1.75 -0.75
C LEU A 11 -8.37 2.50 0.58
N ILE A 12 -7.62 2.03 1.56
CA ILE A 12 -7.58 2.65 2.88
C ILE A 12 -6.15 2.94 3.30
N ARG A 13 -5.99 3.86 4.23
CA ARG A 13 -4.68 4.22 4.74
C ARG A 13 -4.46 3.55 6.09
N SER A 14 -5.54 3.06 6.69
CA SER A 14 -5.49 2.39 7.97
C SER A 14 -4.18 1.66 8.16
N ARG A 15 -4.12 0.45 7.62
CA ARG A 15 -2.91 -0.36 7.71
C ARG A 15 -3.11 -1.69 7.03
N SER A 16 -3.87 -1.67 5.95
CA SER A 16 -4.14 -2.88 5.19
C SER A 16 -4.54 -2.58 3.76
N ASN A 17 -3.87 -1.61 3.15
CA ASN A 17 -4.17 -1.25 1.77
C ASN A 17 -3.01 -0.50 1.13
N CYS A 18 -2.90 -0.64 -0.19
CA CYS A 18 -1.86 0.02 -0.97
C CYS A 18 -2.44 0.63 -2.24
N PRO A 19 -1.90 1.77 -2.70
CA PRO A 19 -2.39 2.44 -3.90
C PRO A 19 -2.12 1.63 -5.16
N LYS A 20 -2.04 2.34 -6.29
CA LYS A 20 -1.79 1.71 -7.58
C LYS A 20 -0.30 1.53 -7.82
N GLY A 21 0.07 0.36 -8.37
CA GLY A 21 1.47 0.09 -8.64
C GLY A 21 2.37 0.66 -7.56
N LYS A 22 1.91 0.55 -6.32
CA LYS A 22 2.64 1.05 -5.17
C LYS A 22 3.69 0.05 -4.70
N VAL A 23 4.16 0.24 -3.48
CA VAL A 23 5.18 -0.61 -2.91
C VAL A 23 5.22 -0.53 -1.38
N TRP A 24 5.00 -1.65 -0.72
CA TRP A 24 5.02 -1.67 0.73
C TRP A 24 6.43 -1.45 1.26
N ASN A 25 6.50 -1.24 2.56
CA ASN A 25 7.76 -0.98 3.24
C ASN A 25 7.69 -1.54 4.65
N GLY A 26 8.80 -1.45 5.37
CA GLY A 26 8.86 -1.96 6.73
C GLY A 26 7.51 -1.93 7.46
N PHE A 27 6.67 -0.94 7.18
CA PHE A 27 5.38 -0.85 7.83
C PHE A 27 4.42 0.08 7.09
N ASP A 28 4.33 -0.06 5.76
CA ASP A 28 3.44 0.81 4.99
C ASP A 28 3.31 0.36 3.54
N CYS A 29 2.10 0.46 3.01
CA CYS A 29 1.83 0.07 1.63
C CYS A 29 1.65 1.30 0.75
N LYS A 30 2.70 1.73 0.08
CA LYS A 30 2.62 2.93 -0.75
C LYS A 30 3.76 3.05 -1.76
N SER A 31 3.45 3.66 -2.90
CA SER A 31 4.44 3.84 -3.98
C SER A 31 5.78 4.36 -3.43
N PRO A 32 6.79 4.44 -4.30
CA PRO A 32 8.13 4.92 -3.95
C PRO A 32 8.15 6.40 -3.63
N PHE A 33 7.02 7.05 -3.86
CA PHE A 33 6.90 8.48 -3.58
C PHE A 33 7.04 8.70 -2.09
N ALA A 34 6.73 7.66 -1.33
CA ALA A 34 6.81 7.69 0.11
C ALA A 34 8.20 7.25 0.58
N PHE A 35 8.24 6.63 1.74
CA PHE A 35 9.48 6.13 2.35
C PHE A 35 10.61 6.02 1.32
N SER A 36 11.36 7.10 1.15
CA SER A 36 12.47 7.11 0.19
C SER A 36 13.48 6.02 0.52
N GLU A 1 2.20 -10.13 10.16
CA GLU A 1 0.93 -10.16 9.38
C GLU A 1 1.16 -10.61 7.94
N LEU A 2 0.13 -10.52 7.13
CA LEU A 2 0.21 -10.92 5.73
C LEU A 2 0.20 -9.71 4.80
N PRO A 3 1.34 -9.43 4.15
CA PRO A 3 1.45 -8.29 3.22
C PRO A 3 0.35 -8.29 2.16
N LYS A 4 -0.43 -7.22 2.11
CA LYS A 4 -1.51 -7.10 1.14
C LYS A 4 -0.97 -6.81 -0.25
N LEU A 5 -1.86 -6.69 -1.23
CA LEU A 5 -1.46 -6.40 -2.60
C LEU A 5 -2.66 -5.95 -3.43
N PRO A 6 -3.36 -4.89 -2.99
CA PRO A 6 -4.53 -4.35 -3.67
C PRO A 6 -4.18 -3.09 -4.46
N ASP A 7 -5.20 -2.31 -4.80
CA ASP A 7 -4.99 -1.08 -5.54
C ASP A 7 -6.31 -0.36 -5.82
N ASP A 8 -7.14 -0.94 -6.68
CA ASP A 8 -8.42 -0.33 -7.03
C ASP A 8 -9.58 -1.27 -6.73
N LYS A 9 -9.65 -1.75 -5.49
CA LYS A 9 -10.72 -2.65 -5.07
C LYS A 9 -11.22 -2.29 -3.68
N VAL A 10 -10.33 -2.40 -2.71
CA VAL A 10 -10.65 -2.08 -1.32
C VAL A 10 -9.64 -1.08 -0.76
N LEU A 11 -8.70 -0.65 -1.61
CA LEU A 11 -7.66 0.30 -1.23
C LEU A 11 -8.05 1.12 0.00
N ILE A 12 -7.39 0.83 1.10
CA ILE A 12 -7.65 1.53 2.35
C ILE A 12 -6.37 2.13 2.92
N ARG A 13 -6.20 3.44 2.78
CA ARG A 13 -5.03 4.10 3.33
C ARG A 13 -4.83 3.63 4.75
N SER A 14 -5.94 3.24 5.38
CA SER A 14 -5.97 2.75 6.76
C SER A 14 -4.57 2.44 7.28
N ARG A 15 -4.14 1.21 7.03
CA ARG A 15 -2.81 0.79 7.47
C ARG A 15 -2.55 -0.66 7.07
N SER A 16 -3.11 -1.03 5.92
CA SER A 16 -2.94 -2.39 5.42
C SER A 16 -3.41 -2.52 3.98
N ASN A 17 -3.00 -1.58 3.13
CA ASN A 17 -3.40 -1.61 1.73
C ASN A 17 -2.41 -0.85 0.85
N CYS A 18 -2.25 -1.34 -0.37
CA CYS A 18 -1.35 -0.73 -1.35
C CYS A 18 -2.14 -0.21 -2.55
N PRO A 19 -2.26 1.13 -2.66
CA PRO A 19 -2.99 1.76 -3.76
C PRO A 19 -2.35 1.48 -5.11
N LYS A 20 -3.14 1.65 -6.17
CA LYS A 20 -2.65 1.42 -7.53
C LYS A 20 -1.19 1.85 -7.64
N GLY A 21 -0.43 1.13 -8.46
CA GLY A 21 0.96 1.45 -8.66
C GLY A 21 1.62 1.96 -7.39
N LYS A 22 1.93 1.03 -6.48
CA LYS A 22 2.56 1.37 -5.22
C LYS A 22 3.46 0.23 -4.78
N VAL A 23 3.95 0.30 -3.56
CA VAL A 23 4.82 -0.75 -3.04
C VAL A 23 4.92 -0.64 -1.52
N TRP A 24 5.01 -1.76 -0.84
CA TRP A 24 5.10 -1.73 0.60
C TRP A 24 6.49 -1.34 1.07
N ASN A 25 6.55 -1.00 2.34
CA ASN A 25 7.79 -0.57 2.97
C ASN A 25 7.80 -1.05 4.41
N GLY A 26 8.86 -0.73 5.13
CA GLY A 26 8.99 -1.15 6.51
C GLY A 26 7.66 -1.32 7.24
N PHE A 27 6.66 -0.48 6.94
CA PHE A 27 5.38 -0.58 7.61
C PHE A 27 4.28 0.16 6.85
N ASP A 28 4.23 0.02 5.52
CA ASP A 28 3.20 0.71 4.73
C ASP A 28 3.16 0.25 3.29
N CYS A 29 1.96 0.12 2.73
CA CYS A 29 1.79 -0.29 1.34
C CYS A 29 1.53 0.91 0.45
N LYS A 30 2.60 1.50 -0.07
CA LYS A 30 2.48 2.68 -0.93
C LYS A 30 3.78 2.93 -1.71
N SER A 31 3.67 3.52 -2.90
CA SER A 31 4.84 3.80 -3.70
C SER A 31 5.96 4.37 -2.81
N PRO A 32 7.02 3.58 -2.58
CA PRO A 32 8.15 4.00 -1.75
C PRO A 32 8.62 5.41 -2.05
N PHE A 33 8.34 5.87 -3.26
CA PHE A 33 8.72 7.22 -3.65
C PHE A 33 8.47 8.19 -2.50
N ALA A 34 7.45 7.87 -1.70
CA ALA A 34 7.08 8.70 -0.57
C ALA A 34 7.38 7.99 0.75
N PHE A 35 8.56 7.37 0.83
CA PHE A 35 8.97 6.65 2.03
C PHE A 35 10.49 6.67 2.18
N SER A 36 11.14 7.65 1.55
CA SER A 36 12.59 7.77 1.63
C SER A 36 13.06 9.07 1.00
N GLU A 1 -0.01 -10.10 9.08
CA GLU A 1 -1.19 -9.68 8.27
C GLU A 1 -0.88 -9.70 6.78
N LEU A 2 -1.49 -10.65 6.08
CA LEU A 2 -1.28 -10.80 4.64
C LEU A 2 -0.97 -9.46 3.97
N PRO A 3 0.32 -9.15 3.80
CA PRO A 3 0.75 -7.89 3.16
C PRO A 3 -0.12 -7.53 1.97
N LYS A 4 -0.92 -6.48 2.12
CA LYS A 4 -1.82 -6.05 1.06
C LYS A 4 -1.05 -5.72 -0.21
N LEU A 5 -1.70 -5.96 -1.35
CA LEU A 5 -1.12 -5.67 -2.65
C LEU A 5 -2.22 -5.37 -3.68
N PRO A 6 -3.22 -4.53 -3.32
CA PRO A 6 -4.31 -4.17 -4.22
C PRO A 6 -4.08 -2.82 -4.89
N ASP A 7 -5.07 -2.35 -5.64
CA ASP A 7 -4.95 -1.06 -6.32
C ASP A 7 -6.20 -0.74 -7.12
N ASP A 8 -6.52 -1.60 -8.08
CA ASP A 8 -7.69 -1.40 -8.94
C ASP A 8 -8.94 -2.05 -8.34
N LYS A 9 -8.76 -2.77 -7.24
CA LYS A 9 -9.88 -3.43 -6.59
C LYS A 9 -9.93 -3.10 -5.10
N VAL A 10 -8.92 -2.39 -4.62
CA VAL A 10 -8.82 -2.02 -3.24
C VAL A 10 -7.68 -1.05 -3.03
N LEU A 11 -8.02 0.15 -2.60
CA LEU A 11 -7.01 1.17 -2.35
C LEU A 11 -7.38 2.01 -1.12
N ILE A 12 -7.61 1.34 0.00
CA ILE A 12 -7.97 2.03 1.24
C ILE A 12 -6.73 2.39 2.05
N ARG A 13 -6.44 3.68 2.14
CA ARG A 13 -5.31 4.14 2.92
C ARG A 13 -5.50 3.70 4.36
N SER A 14 -6.77 3.57 4.73
CA SER A 14 -7.19 3.15 6.07
C SER A 14 -6.03 2.58 6.88
N ARG A 15 -5.81 1.30 6.73
CA ARG A 15 -4.72 0.64 7.46
C ARG A 15 -4.55 -0.79 7.00
N SER A 16 -4.85 -1.03 5.74
CA SER A 16 -4.72 -2.36 5.17
C SER A 16 -4.89 -2.35 3.66
N ASN A 17 -4.03 -1.62 2.96
CA ASN A 17 -4.12 -1.55 1.51
C ASN A 17 -2.98 -0.75 0.91
N CYS A 18 -2.89 -0.82 -0.41
CA CYS A 18 -1.85 -0.11 -1.16
C CYS A 18 -2.44 0.48 -2.43
N PRO A 19 -2.16 1.77 -2.70
CA PRO A 19 -2.67 2.46 -3.89
C PRO A 19 -2.30 1.74 -5.17
N LYS A 20 -2.28 2.48 -6.28
CA LYS A 20 -1.93 1.92 -7.57
C LYS A 20 -0.42 1.88 -7.76
N GLY A 21 0.08 0.81 -8.36
CA GLY A 21 1.51 0.68 -8.58
C GLY A 21 2.30 1.21 -7.39
N LYS A 22 2.09 0.58 -6.24
CA LYS A 22 2.74 0.98 -5.02
C LYS A 22 3.85 -0.01 -4.63
N VAL A 23 4.32 0.13 -3.41
CA VAL A 23 5.36 -0.71 -2.87
C VAL A 23 5.40 -0.62 -1.35
N TRP A 24 5.15 -1.72 -0.67
CA TRP A 24 5.16 -1.70 0.78
C TRP A 24 6.56 -1.48 1.30
N ASN A 25 6.62 -1.15 2.58
CA ASN A 25 7.87 -0.88 3.25
C ASN A 25 7.80 -1.37 4.70
N GLY A 26 8.86 -1.15 5.44
CA GLY A 26 8.88 -1.59 6.83
C GLY A 26 7.52 -1.56 7.51
N PHE A 27 6.65 -0.61 7.15
CA PHE A 27 5.34 -0.54 7.77
C PHE A 27 4.38 0.33 6.97
N ASP A 28 4.31 0.13 5.65
CA ASP A 28 3.41 0.93 4.82
C ASP A 28 3.33 0.41 3.40
N CYS A 29 2.10 0.25 2.91
CA CYS A 29 1.88 -0.26 1.55
C CYS A 29 1.51 0.87 0.59
N LYS A 30 2.53 1.42 -0.07
CA LYS A 30 2.29 2.51 -1.04
C LYS A 30 3.50 2.74 -1.93
N SER A 31 3.30 3.54 -2.96
CA SER A 31 4.37 3.85 -3.90
C SER A 31 5.65 4.24 -3.16
N PRO A 32 6.78 4.25 -3.88
CA PRO A 32 8.07 4.60 -3.31
C PRO A 32 8.15 6.07 -2.95
N PHE A 33 7.31 6.86 -3.59
CA PHE A 33 7.27 8.29 -3.33
C PHE A 33 7.18 8.54 -1.83
N ALA A 34 6.63 7.56 -1.11
CA ALA A 34 6.48 7.68 0.34
C ALA A 34 7.45 6.75 1.07
N PHE A 35 8.69 6.74 0.61
CA PHE A 35 9.72 5.90 1.23
C PHE A 35 11.11 6.35 0.79
N SER A 36 11.24 7.64 0.51
CA SER A 36 12.52 8.21 0.08
C SER A 36 12.41 9.72 -0.09
N GLU A 1 -3.20 -9.56 11.74
CA GLU A 1 -2.43 -8.75 10.77
C GLU A 1 -3.33 -7.81 9.99
N LEU A 2 -2.76 -7.17 8.97
CA LEU A 2 -3.51 -6.24 8.13
C LEU A 2 -3.25 -6.50 6.66
N PRO A 3 -4.31 -6.84 5.90
CA PRO A 3 -4.22 -7.14 4.47
C PRO A 3 -3.86 -5.91 3.65
N LYS A 4 -2.57 -5.71 3.40
CA LYS A 4 -2.10 -4.57 2.62
C LYS A 4 -1.44 -5.02 1.32
N LEU A 5 -2.24 -5.58 0.42
CA LEU A 5 -1.70 -6.06 -0.86
C LEU A 5 -2.54 -5.66 -2.08
N PRO A 6 -3.54 -4.74 -1.98
CA PRO A 6 -4.33 -4.34 -3.15
C PRO A 6 -3.63 -3.29 -4.00
N ASP A 7 -4.37 -2.67 -4.91
CA ASP A 7 -3.80 -1.63 -5.77
C ASP A 7 -4.88 -0.90 -6.55
N ASP A 8 -5.91 -1.62 -6.96
CA ASP A 8 -7.01 -1.01 -7.72
C ASP A 8 -8.34 -1.67 -7.38
N LYS A 9 -8.60 -1.84 -6.09
CA LYS A 9 -9.84 -2.45 -5.63
C LYS A 9 -10.54 -1.55 -4.61
N VAL A 10 -9.92 -1.42 -3.45
CA VAL A 10 -10.47 -0.58 -2.38
C VAL A 10 -9.47 0.50 -1.99
N LEU A 11 -8.19 0.13 -1.99
CA LEU A 11 -7.12 1.06 -1.64
C LEU A 11 -7.54 2.06 -0.58
N ILE A 12 -7.62 1.60 0.66
CA ILE A 12 -7.98 2.47 1.78
C ILE A 12 -6.72 3.00 2.46
N ARG A 13 -6.36 4.24 2.15
CA ARG A 13 -5.18 4.85 2.74
C ARG A 13 -5.19 4.64 4.25
N SER A 14 -6.39 4.40 4.80
CA SER A 14 -6.56 4.18 6.23
C SER A 14 -5.30 3.64 6.87
N ARG A 15 -5.11 2.34 6.78
CA ARG A 15 -3.93 1.70 7.35
C ARG A 15 -3.95 0.20 7.09
N SER A 16 -4.47 -0.17 5.94
CA SER A 16 -4.55 -1.57 5.55
C SER A 16 -4.79 -1.73 4.06
N ASN A 17 -4.04 -1.00 3.26
CA ASN A 17 -4.18 -1.07 1.81
C ASN A 17 -3.04 -0.35 1.09
N CYS A 18 -2.83 -0.71 -0.16
CA CYS A 18 -1.79 -0.09 -0.98
C CYS A 18 -2.39 0.43 -2.28
N PRO A 19 -1.96 1.63 -2.73
CA PRO A 19 -2.47 2.23 -3.97
C PRO A 19 -2.00 1.46 -5.19
N LYS A 20 -2.24 2.02 -6.37
CA LYS A 20 -1.84 1.41 -7.63
C LYS A 20 -0.32 1.48 -7.81
N GLY A 21 0.23 0.43 -8.40
CA GLY A 21 1.67 0.39 -8.64
C GLY A 21 2.46 0.95 -7.46
N LYS A 22 1.95 0.74 -6.26
CA LYS A 22 2.60 1.21 -5.05
C LYS A 22 3.71 0.26 -4.62
N VAL A 23 4.15 0.41 -3.38
CA VAL A 23 5.21 -0.40 -2.85
C VAL A 23 5.28 -0.36 -1.33
N TRP A 24 5.07 -1.48 -0.69
CA TRP A 24 5.12 -1.54 0.76
C TRP A 24 6.53 -1.32 1.25
N ASN A 25 6.65 -1.07 2.53
CA ASN A 25 7.95 -0.80 3.14
C ASN A 25 7.93 -0.98 4.65
N GLY A 26 8.43 -2.12 5.12
CA GLY A 26 8.53 -2.41 6.54
C GLY A 26 7.23 -2.30 7.32
N PHE A 27 6.55 -1.17 7.20
CA PHE A 27 5.31 -0.94 7.93
C PHE A 27 4.39 0.02 7.20
N ASP A 28 4.43 -0.01 5.87
CA ASP A 28 3.57 0.90 5.08
C ASP A 28 3.41 0.43 3.65
N CYS A 29 2.18 0.48 3.14
CA CYS A 29 1.89 0.06 1.76
C CYS A 29 1.57 1.26 0.90
N LYS A 30 2.57 1.77 0.17
CA LYS A 30 2.37 2.92 -0.67
C LYS A 30 3.47 3.10 -1.71
N SER A 31 3.20 3.91 -2.73
CA SER A 31 4.20 4.15 -3.76
C SER A 31 5.57 4.40 -3.13
N PRO A 32 6.65 4.31 -3.94
CA PRO A 32 8.00 4.52 -3.46
C PRO A 32 8.30 5.97 -3.12
N PHE A 33 7.66 6.88 -3.84
CA PHE A 33 7.85 8.30 -3.60
C PHE A 33 7.61 8.64 -2.14
N ALA A 34 6.75 7.86 -1.50
CA ALA A 34 6.42 8.07 -0.11
C ALA A 34 7.17 7.11 0.81
N PHE A 35 8.45 6.92 0.51
CA PHE A 35 9.29 6.04 1.30
C PHE A 35 10.77 6.28 1.00
N SER A 36 11.15 7.55 0.94
CA SER A 36 12.53 7.92 0.65
C SER A 36 12.73 9.42 0.77
N GLU A 1 -7.79 -9.08 10.02
CA GLU A 1 -6.56 -8.93 9.20
C GLU A 1 -6.89 -8.35 7.82
N LEU A 2 -5.86 -8.15 7.01
CA LEU A 2 -6.04 -7.59 5.67
C LEU A 2 -4.71 -7.50 4.93
N PRO A 3 -4.51 -8.37 3.93
CA PRO A 3 -3.27 -8.39 3.14
C PRO A 3 -3.10 -7.11 2.31
N LYS A 4 -2.43 -6.13 2.89
CA LYS A 4 -2.18 -4.85 2.22
C LYS A 4 -1.46 -5.05 0.89
N LEU A 5 -2.19 -5.53 -0.12
CA LEU A 5 -1.61 -5.76 -1.43
C LEU A 5 -2.53 -5.35 -2.59
N PRO A 6 -3.59 -4.54 -2.39
CA PRO A 6 -4.47 -4.14 -3.48
C PRO A 6 -3.91 -2.98 -4.28
N ASP A 7 -4.71 -2.42 -5.18
CA ASP A 7 -4.27 -1.30 -6.00
C ASP A 7 -5.41 -0.72 -6.84
N ASP A 8 -6.25 -1.58 -7.38
CA ASP A 8 -7.37 -1.14 -8.21
C ASP A 8 -8.67 -1.81 -7.79
N LYS A 9 -8.95 -1.80 -6.50
CA LYS A 9 -10.16 -2.42 -5.96
C LYS A 9 -10.77 -1.55 -4.87
N VAL A 10 -10.01 -1.37 -3.79
CA VAL A 10 -10.44 -0.55 -2.67
C VAL A 10 -9.39 0.48 -2.29
N LEU A 11 -8.12 0.05 -2.36
CA LEU A 11 -6.99 0.93 -2.04
C LEU A 11 -7.34 1.94 -0.96
N ILE A 12 -7.89 1.47 0.15
CA ILE A 12 -8.24 2.35 1.26
C ILE A 12 -6.99 2.91 1.94
N ARG A 13 -6.78 4.21 1.80
CA ARG A 13 -5.63 4.86 2.41
C ARG A 13 -5.69 4.68 3.92
N SER A 14 -6.89 4.38 4.41
CA SER A 14 -7.15 4.17 5.82
C SER A 14 -5.89 3.71 6.56
N ARG A 15 -5.64 2.42 6.55
CA ARG A 15 -4.47 1.86 7.21
C ARG A 15 -4.37 0.37 6.94
N SER A 16 -4.74 -0.01 5.73
CA SER A 16 -4.69 -1.41 5.32
C SER A 16 -4.95 -1.55 3.82
N ASN A 17 -4.18 -0.84 3.02
CA ASN A 17 -4.35 -0.88 1.58
C ASN A 17 -3.27 -0.09 0.87
N CYS A 18 -2.83 -0.59 -0.27
CA CYS A 18 -1.81 0.10 -1.06
C CYS A 18 -2.41 0.63 -2.35
N PRO A 19 -2.02 1.84 -2.75
CA PRO A 19 -2.52 2.46 -3.98
C PRO A 19 -2.22 1.62 -5.21
N LYS A 20 -2.16 2.26 -6.36
CA LYS A 20 -1.87 1.57 -7.61
C LYS A 20 -0.36 1.52 -7.85
N GLY A 21 0.11 0.36 -8.29
CA GLY A 21 1.53 0.20 -8.55
C GLY A 21 2.38 0.88 -7.48
N LYS A 22 2.10 0.55 -6.22
CA LYS A 22 2.83 1.13 -5.11
C LYS A 22 3.89 0.16 -4.60
N VAL A 23 4.39 0.42 -3.41
CA VAL A 23 5.41 -0.43 -2.83
C VAL A 23 5.43 -0.34 -1.31
N TRP A 24 5.13 -1.46 -0.67
CA TRP A 24 5.11 -1.52 0.78
C TRP A 24 6.50 -1.36 1.35
N ASN A 25 6.55 -1.16 2.65
CA ASN A 25 7.80 -0.97 3.36
C ASN A 25 7.71 -1.61 4.74
N GLY A 26 8.77 -1.53 5.50
CA GLY A 26 8.80 -2.12 6.83
C GLY A 26 7.43 -2.14 7.53
N PHE A 27 6.58 -1.14 7.27
CA PHE A 27 5.28 -1.10 7.89
C PHE A 27 4.33 -0.13 7.18
N ASP A 28 4.25 -0.22 5.85
CA ASP A 28 3.38 0.68 5.11
C ASP A 28 3.26 0.28 3.65
N CYS A 29 2.09 0.52 3.06
CA CYS A 29 1.85 0.16 1.66
C CYS A 29 1.65 1.42 0.83
N LYS A 30 2.69 1.85 0.13
CA LYS A 30 2.58 3.06 -0.67
C LYS A 30 3.68 3.15 -1.73
N SER A 31 3.37 3.84 -2.82
CA SER A 31 4.33 4.02 -3.91
C SER A 31 5.71 4.39 -3.36
N PRO A 32 6.73 4.40 -4.22
CA PRO A 32 8.09 4.74 -3.82
C PRO A 32 8.24 6.21 -3.52
N PHE A 33 7.19 6.96 -3.82
CA PHE A 33 7.19 8.39 -3.57
C PHE A 33 6.95 8.67 -2.09
N ALA A 34 6.66 7.62 -1.33
CA ALA A 34 6.42 7.74 0.10
C ALA A 34 7.30 6.81 0.91
N PHE A 35 8.57 6.75 0.55
CA PHE A 35 9.52 5.90 1.26
C PHE A 35 10.96 6.28 0.90
N SER A 36 11.18 7.58 0.75
CA SER A 36 12.52 8.09 0.41
C SER A 36 12.94 9.17 1.41
N GLU A 1 -5.86 -9.87 10.71
CA GLU A 1 -5.86 -8.67 9.83
C GLU A 1 -5.56 -9.07 8.38
N LEU A 2 -5.98 -8.23 7.45
CA LEU A 2 -5.76 -8.48 6.02
C LEU A 2 -4.43 -7.88 5.56
N PRO A 3 -3.53 -8.72 5.02
CA PRO A 3 -2.23 -8.28 4.53
C PRO A 3 -2.36 -7.23 3.44
N LYS A 4 -1.75 -6.07 3.65
CA LYS A 4 -1.81 -4.98 2.69
C LYS A 4 -1.09 -5.33 1.38
N LEU A 5 -1.83 -5.91 0.44
CA LEU A 5 -1.25 -6.28 -0.85
C LEU A 5 -2.19 -5.99 -2.03
N PRO A 6 -3.21 -5.09 -1.90
CA PRO A 6 -4.11 -4.79 -3.01
C PRO A 6 -3.58 -3.66 -3.88
N ASP A 7 -4.41 -3.15 -4.78
CA ASP A 7 -4.02 -2.06 -5.67
C ASP A 7 -5.16 -1.69 -6.62
N ASP A 8 -5.98 -2.67 -6.98
CA ASP A 8 -7.09 -2.44 -7.90
C ASP A 8 -8.38 -3.02 -7.35
N LYS A 9 -8.45 -3.16 -6.03
CA LYS A 9 -9.64 -3.70 -5.37
C LYS A 9 -10.29 -2.65 -4.48
N VAL A 10 -9.55 -2.18 -3.49
CA VAL A 10 -10.03 -1.17 -2.57
C VAL A 10 -9.00 -0.06 -2.38
N LEU A 11 -7.72 -0.44 -2.39
CA LEU A 11 -6.63 0.51 -2.23
C LEU A 11 -6.98 1.62 -1.24
N ILE A 12 -7.47 1.23 -0.06
CA ILE A 12 -7.81 2.21 0.97
C ILE A 12 -6.57 2.88 1.52
N ARG A 13 -6.40 4.16 1.20
CA ARG A 13 -5.26 4.91 1.70
C ARG A 13 -5.27 4.91 3.22
N SER A 14 -6.43 4.57 3.79
CA SER A 14 -6.61 4.53 5.23
C SER A 14 -5.31 4.18 5.94
N ARG A 15 -5.04 2.89 6.04
CA ARG A 15 -3.82 2.42 6.69
C ARG A 15 -3.70 0.91 6.62
N SER A 16 -4.19 0.36 5.53
CA SER A 16 -4.15 -1.08 5.33
C SER A 16 -4.38 -1.45 3.87
N ASN A 17 -3.68 -0.75 2.97
CA ASN A 17 -3.83 -0.99 1.55
C ASN A 17 -2.73 -0.32 0.75
N CYS A 18 -2.37 -0.92 -0.38
CA CYS A 18 -1.34 -0.38 -1.24
C CYS A 18 -1.97 0.19 -2.51
N PRO A 19 -2.05 1.52 -2.61
CA PRO A 19 -2.64 2.20 -3.76
C PRO A 19 -2.10 1.69 -5.09
N LYS A 20 -2.92 1.78 -6.12
CA LYS A 20 -2.53 1.34 -7.45
C LYS A 20 -1.04 1.57 -7.68
N GLY A 21 -0.40 0.64 -8.39
CA GLY A 21 1.03 0.76 -8.66
C GLY A 21 1.77 1.43 -7.51
N LYS A 22 2.07 0.65 -6.49
CA LYS A 22 2.76 1.17 -5.32
C LYS A 22 3.80 0.17 -4.81
N VAL A 23 4.21 0.33 -3.56
CA VAL A 23 5.21 -0.55 -2.98
C VAL A 23 5.26 -0.45 -1.46
N TRP A 24 5.03 -1.57 -0.78
CA TRP A 24 5.07 -1.57 0.66
C TRP A 24 6.46 -1.33 1.19
N ASN A 25 6.54 -1.08 2.47
CA ASN A 25 7.80 -0.81 3.15
C ASN A 25 7.75 -1.36 4.56
N GLY A 26 8.83 -1.17 5.29
CA GLY A 26 8.89 -1.68 6.66
C GLY A 26 7.55 -1.73 7.37
N PHE A 27 6.66 -0.77 7.08
CA PHE A 27 5.35 -0.75 7.73
C PHE A 27 4.37 0.16 6.98
N ASP A 28 4.27 0.01 5.66
CA ASP A 28 3.35 0.86 4.89
C ASP A 28 3.22 0.38 3.45
N CYS A 29 2.03 0.49 2.89
CA CYS A 29 1.78 0.04 1.52
C CYS A 29 1.49 1.22 0.60
N LYS A 30 2.52 1.74 -0.06
CA LYS A 30 2.34 2.87 -0.98
C LYS A 30 3.54 3.01 -1.91
N SER A 31 3.40 3.85 -2.90
CA SER A 31 4.47 4.07 -3.86
C SER A 31 5.81 4.14 -3.15
N PRO A 32 6.92 3.99 -3.90
CA PRO A 32 8.25 4.03 -3.33
C PRO A 32 8.80 5.44 -3.19
N PHE A 33 7.93 6.41 -3.47
CA PHE A 33 8.30 7.81 -3.35
C PHE A 33 7.85 8.37 -2.01
N ALA A 34 7.02 7.59 -1.30
CA ALA A 34 6.50 8.00 -0.01
C ALA A 34 7.18 7.24 1.13
N PHE A 35 8.50 7.16 1.07
CA PHE A 35 9.28 6.47 2.10
C PHE A 35 10.73 6.92 2.06
N SER A 36 10.96 8.16 1.66
CA SER A 36 12.31 8.72 1.58
C SER A 36 12.95 8.80 2.96
N GLU A 1 -3.74 -14.53 5.40
CA GLU A 1 -4.66 -14.28 4.27
C GLU A 1 -3.93 -13.60 3.11
N LEU A 2 -4.61 -13.50 1.97
CA LEU A 2 -4.04 -12.87 0.79
C LEU A 2 -3.21 -11.65 1.17
N PRO A 3 -1.88 -11.72 0.96
CA PRO A 3 -0.96 -10.63 1.28
C PRO A 3 -1.34 -9.34 0.53
N LYS A 4 -1.47 -8.25 1.28
CA LYS A 4 -1.82 -6.95 0.72
C LYS A 4 -1.40 -6.82 -0.74
N LEU A 5 -2.32 -6.36 -1.59
CA LEU A 5 -2.03 -6.19 -3.01
C LEU A 5 -3.24 -5.64 -3.77
N PRO A 6 -3.85 -4.53 -3.31
CA PRO A 6 -4.99 -3.91 -3.94
C PRO A 6 -4.62 -2.62 -4.67
N ASP A 7 -5.62 -1.88 -5.11
CA ASP A 7 -5.37 -0.62 -5.81
C ASP A 7 -6.66 0.06 -6.25
N ASP A 8 -7.47 -0.66 -7.02
CA ASP A 8 -8.73 -0.12 -7.52
C ASP A 8 -9.92 -0.91 -6.96
N LYS A 9 -10.01 -0.98 -5.65
CA LYS A 9 -11.10 -1.71 -5.00
C LYS A 9 -11.56 -1.00 -3.74
N VAL A 10 -10.62 -0.81 -2.81
CA VAL A 10 -10.93 -0.16 -1.54
C VAL A 10 -9.73 0.59 -0.97
N LEU A 11 -8.52 0.10 -1.25
CA LEU A 11 -7.31 0.74 -0.74
C LEU A 11 -7.50 1.24 0.68
N ILE A 12 -7.69 0.32 1.62
CA ILE A 12 -7.88 0.68 3.01
C ILE A 12 -6.57 1.11 3.66
N ARG A 13 -6.39 2.41 3.85
CA ARG A 13 -5.19 2.91 4.49
C ARG A 13 -5.01 2.22 5.84
N SER A 14 -6.10 1.64 6.34
CA SER A 14 -6.10 0.93 7.61
C SER A 14 -4.74 0.36 7.95
N ARG A 15 -4.45 -0.82 7.41
CA ARG A 15 -3.17 -1.45 7.67
C ARG A 15 -3.02 -2.73 6.86
N SER A 16 -3.59 -2.72 5.67
CA SER A 16 -3.52 -3.90 4.80
C SER A 16 -3.92 -3.57 3.37
N ASN A 17 -3.37 -2.49 2.82
CA ASN A 17 -3.69 -2.10 1.46
C ASN A 17 -2.63 -1.18 0.87
N CYS A 18 -2.54 -1.19 -0.46
CA CYS A 18 -1.60 -0.36 -1.20
C CYS A 18 -2.33 0.32 -2.36
N PRO A 19 -2.01 1.59 -2.65
CA PRO A 19 -2.63 2.32 -3.75
C PRO A 19 -2.04 1.92 -5.08
N LYS A 20 -2.87 1.85 -6.11
CA LYS A 20 -2.44 1.46 -7.45
C LYS A 20 -0.97 1.82 -7.68
N GLY A 21 -0.22 0.87 -8.21
CA GLY A 21 1.20 1.10 -8.46
C GLY A 21 1.89 1.63 -7.23
N LYS A 22 2.34 0.72 -6.37
CA LYS A 22 2.99 1.11 -5.15
C LYS A 22 4.00 0.08 -4.67
N VAL A 23 4.42 0.22 -3.44
CA VAL A 23 5.38 -0.69 -2.85
C VAL A 23 5.39 -0.58 -1.33
N TRP A 24 5.17 -1.70 -0.64
CA TRP A 24 5.15 -1.69 0.81
C TRP A 24 6.53 -1.45 1.38
N ASN A 25 6.55 -1.16 2.66
CA ASN A 25 7.78 -0.88 3.38
C ASN A 25 7.67 -1.42 4.79
N GLY A 26 8.69 -1.18 5.60
CA GLY A 26 8.70 -1.64 6.96
C GLY A 26 7.31 -1.76 7.60
N PHE A 27 6.39 -0.84 7.27
CA PHE A 27 5.06 -0.90 7.86
C PHE A 27 4.04 -0.08 7.07
N ASP A 28 4.07 -0.15 5.74
CA ASP A 28 3.11 0.61 4.92
C ASP A 28 3.15 0.22 3.46
N CYS A 29 1.98 0.12 2.85
CA CYS A 29 1.86 -0.25 1.43
C CYS A 29 1.64 0.99 0.59
N LYS A 30 2.72 1.54 0.01
CA LYS A 30 2.59 2.74 -0.80
C LYS A 30 3.80 2.96 -1.72
N SER A 31 3.54 3.58 -2.86
CA SER A 31 4.59 3.89 -3.84
C SER A 31 5.87 4.32 -3.14
N PRO A 32 7.01 4.30 -3.85
CA PRO A 32 8.30 4.70 -3.28
C PRO A 32 8.38 6.20 -3.08
N PHE A 33 7.62 6.93 -3.87
CA PHE A 33 7.59 8.38 -3.75
C PHE A 33 7.49 8.78 -2.28
N ALA A 34 6.84 7.92 -1.50
CA ALA A 34 6.67 8.17 -0.07
C ALA A 34 7.42 7.17 0.78
N PHE A 35 8.68 6.93 0.41
CA PHE A 35 9.52 5.98 1.14
C PHE A 35 10.98 6.12 0.72
N SER A 36 11.19 6.36 -0.57
CA SER A 36 12.54 6.52 -1.11
C SER A 36 13.27 5.18 -1.12
N GLU A 1 -6.63 -6.54 8.52
CA GLU A 1 -5.85 -6.81 7.28
C GLU A 1 -4.39 -6.41 7.45
N LEU A 2 -3.58 -7.35 7.91
CA LEU A 2 -2.16 -7.10 8.12
C LEU A 2 -1.39 -7.20 6.82
N PRO A 3 -1.52 -8.34 6.13
CA PRO A 3 -0.83 -8.59 4.86
C PRO A 3 -1.56 -8.00 3.66
N LYS A 4 -1.65 -6.67 3.62
CA LYS A 4 -2.33 -5.99 2.52
C LYS A 4 -1.39 -5.82 1.32
N LEU A 5 -1.88 -6.18 0.14
CA LEU A 5 -1.10 -6.07 -1.07
C LEU A 5 -1.96 -5.76 -2.30
N PRO A 6 -3.06 -4.99 -2.15
CA PRO A 6 -3.93 -4.64 -3.28
C PRO A 6 -3.37 -3.47 -4.09
N ASP A 7 -4.21 -2.88 -4.93
CA ASP A 7 -3.81 -1.74 -5.75
C ASP A 7 -4.96 -1.25 -6.62
N ASP A 8 -5.72 -2.18 -7.18
CA ASP A 8 -6.85 -1.83 -8.03
C ASP A 8 -8.10 -2.62 -7.67
N LYS A 9 -8.18 -3.03 -6.40
CA LYS A 9 -9.32 -3.80 -5.92
C LYS A 9 -10.02 -3.08 -4.78
N VAL A 10 -9.29 -2.83 -3.70
CA VAL A 10 -9.83 -2.14 -2.54
C VAL A 10 -9.01 -0.88 -2.23
N LEU A 11 -7.70 -1.02 -2.30
CA LEU A 11 -6.78 0.08 -2.05
C LEU A 11 -7.33 1.07 -1.03
N ILE A 12 -7.72 0.59 0.15
CA ILE A 12 -8.23 1.46 1.19
C ILE A 12 -7.10 2.28 1.82
N ARG A 13 -6.99 3.54 1.42
CA ARG A 13 -5.97 4.42 1.97
C ARG A 13 -5.98 4.34 3.49
N SER A 14 -7.14 3.96 4.02
CA SER A 14 -7.34 3.84 5.47
C SER A 14 -6.02 3.60 6.19
N ARG A 15 -5.62 2.35 6.26
CA ARG A 15 -4.37 2.00 6.94
C ARG A 15 -4.11 0.51 6.85
N SER A 16 -4.50 -0.07 5.73
CA SER A 16 -4.30 -1.50 5.51
C SER A 16 -4.40 -1.85 4.03
N ASN A 17 -3.77 -1.06 3.18
CA ASN A 17 -3.81 -1.31 1.75
C ASN A 17 -2.67 -0.63 1.02
N CYS A 18 -2.54 -0.98 -0.26
CA CYS A 18 -1.50 -0.42 -1.11
C CYS A 18 -2.11 0.08 -2.41
N PRO A 19 -2.03 1.38 -2.67
CA PRO A 19 -2.60 1.99 -3.87
C PRO A 19 -2.01 1.41 -5.14
N LYS A 20 -2.54 1.86 -6.27
CA LYS A 20 -2.10 1.39 -7.58
C LYS A 20 -0.61 1.65 -7.77
N GLY A 21 0.06 0.73 -8.44
CA GLY A 21 1.48 0.87 -8.71
C GLY A 21 2.23 1.41 -7.50
N LYS A 22 1.91 0.87 -6.33
CA LYS A 22 2.54 1.30 -5.10
C LYS A 22 3.63 0.33 -4.67
N VAL A 23 4.06 0.45 -3.42
CA VAL A 23 5.10 -0.39 -2.87
C VAL A 23 5.09 -0.35 -1.35
N TRP A 24 5.16 -1.51 -0.72
CA TRP A 24 5.16 -1.59 0.73
C TRP A 24 6.54 -1.37 1.32
N ASN A 25 6.56 -1.20 2.62
CA ASN A 25 7.79 -0.97 3.37
C ASN A 25 7.64 -1.54 4.78
N GLY A 26 8.71 -1.49 5.55
CA GLY A 26 8.69 -2.02 6.90
C GLY A 26 7.31 -1.99 7.56
N PHE A 27 6.51 -0.95 7.27
CA PHE A 27 5.18 -0.84 7.85
C PHE A 27 4.32 0.16 7.08
N ASP A 28 4.30 0.04 5.75
CA ASP A 28 3.50 0.98 4.95
C ASP A 28 3.38 0.53 3.51
N CYS A 29 2.16 0.52 2.98
CA CYS A 29 1.91 0.09 1.62
C CYS A 29 1.65 1.30 0.74
N LYS A 30 2.68 1.81 0.07
CA LYS A 30 2.51 2.98 -0.77
C LYS A 30 3.67 3.16 -1.76
N SER A 31 3.34 3.72 -2.93
CA SER A 31 4.33 3.95 -3.98
C SER A 31 5.69 4.36 -3.42
N PRO A 32 6.73 4.31 -4.27
CA PRO A 32 8.09 4.68 -3.89
C PRO A 32 8.23 6.17 -3.62
N PHE A 33 7.17 6.90 -3.93
CA PHE A 33 7.16 8.33 -3.68
C PHE A 33 7.30 8.58 -2.19
N ALA A 34 6.91 7.57 -1.43
CA ALA A 34 6.99 7.62 0.02
C ALA A 34 8.37 7.19 0.49
N PHE A 35 8.39 6.55 1.65
CA PHE A 35 9.63 6.06 2.27
C PHE A 35 10.78 5.95 1.25
N SER A 36 11.48 7.06 1.05
CA SER A 36 12.60 7.08 0.11
C SER A 36 13.76 6.23 0.61
N GLU A 1 -0.68 -11.62 9.22
CA GLU A 1 -1.13 -10.49 8.36
C GLU A 1 -0.69 -10.71 6.91
N LEU A 2 -1.67 -10.98 6.05
CA LEU A 2 -1.39 -11.21 4.63
C LEU A 2 -0.93 -9.92 3.96
N PRO A 3 0.15 -10.00 3.16
CA PRO A 3 0.69 -8.83 2.46
C PRO A 3 -0.28 -8.28 1.42
N LYS A 4 -0.94 -7.18 1.76
CA LYS A 4 -1.90 -6.56 0.86
C LYS A 4 -1.22 -5.93 -0.35
N LEU A 5 -1.88 -6.01 -1.49
CA LEU A 5 -1.35 -5.45 -2.74
C LEU A 5 -2.50 -5.07 -3.68
N PRO A 6 -3.57 -4.47 -3.14
CA PRO A 6 -4.73 -4.05 -3.94
C PRO A 6 -4.52 -2.72 -4.65
N ASP A 7 -5.44 -2.37 -5.54
CA ASP A 7 -5.37 -1.11 -6.29
C ASP A 7 -6.52 -0.98 -7.27
N ASP A 8 -7.39 -0.01 -7.02
CA ASP A 8 -8.55 0.21 -7.88
C ASP A 8 -9.37 1.40 -7.41
N LYS A 9 -8.69 2.43 -6.91
CA LYS A 9 -9.35 3.63 -6.42
C LYS A 9 -10.51 3.27 -5.50
N VAL A 10 -10.43 2.08 -4.91
CA VAL A 10 -11.44 1.59 -4.00
C VAL A 10 -10.80 1.03 -2.73
N LEU A 11 -9.48 1.14 -2.66
CA LEU A 11 -8.71 0.66 -1.52
C LEU A 11 -9.12 1.36 -0.24
N ILE A 12 -8.36 1.09 0.82
CA ILE A 12 -8.63 1.68 2.12
C ILE A 12 -7.35 2.13 2.80
N ARG A 13 -7.16 3.43 2.89
CA ARG A 13 -5.99 3.96 3.57
C ARG A 13 -5.90 3.36 4.97
N SER A 14 -7.06 2.88 5.45
CA SER A 14 -7.19 2.26 6.77
C SER A 14 -5.84 1.84 7.33
N ARG A 15 -5.43 0.63 7.00
CA ARG A 15 -4.15 0.11 7.47
C ARG A 15 -3.91 -1.28 6.92
N SER A 16 -4.35 -1.49 5.71
CA SER A 16 -4.18 -2.78 5.05
C SER A 16 -4.54 -2.69 3.57
N ASN A 17 -4.03 -1.67 2.90
CA ASN A 17 -4.29 -1.46 1.49
C ASN A 17 -3.22 -0.60 0.85
N CYS A 18 -2.84 -0.94 -0.37
CA CYS A 18 -1.82 -0.19 -1.10
C CYS A 18 -2.42 0.45 -2.34
N PRO A 19 -2.08 1.73 -2.59
CA PRO A 19 -2.60 2.46 -3.74
C PRO A 19 -2.29 1.72 -5.05
N LYS A 20 -2.28 2.47 -6.15
CA LYS A 20 -2.00 1.89 -7.45
C LYS A 20 -0.50 1.84 -7.70
N GLY A 21 -0.03 0.76 -8.35
CA GLY A 21 1.38 0.62 -8.62
C GLY A 21 2.22 1.16 -7.47
N LYS A 22 2.02 0.56 -6.30
CA LYS A 22 2.71 0.98 -5.11
C LYS A 22 3.83 0.02 -4.71
N VAL A 23 4.31 0.17 -3.49
CA VAL A 23 5.38 -0.65 -2.95
C VAL A 23 5.41 -0.56 -1.43
N TRP A 24 5.18 -1.66 -0.75
CA TRP A 24 5.19 -1.64 0.71
C TRP A 24 6.58 -1.37 1.25
N ASN A 25 6.61 -1.07 2.54
CA ASN A 25 7.85 -0.76 3.24
C ASN A 25 7.77 -1.28 4.66
N GLY A 26 8.84 -1.11 5.42
CA GLY A 26 8.85 -1.58 6.79
C GLY A 26 7.48 -1.58 7.46
N PHE A 27 6.63 -0.61 7.12
CA PHE A 27 5.31 -0.52 7.72
C PHE A 27 4.37 0.36 6.90
N ASP A 28 4.32 0.17 5.59
CA ASP A 28 3.43 1.00 4.75
C ASP A 28 3.34 0.49 3.33
N CYS A 29 2.10 0.31 2.84
CA CYS A 29 1.87 -0.17 1.50
C CYS A 29 1.54 0.97 0.55
N LYS A 30 2.55 1.52 -0.12
CA LYS A 30 2.33 2.61 -1.08
C LYS A 30 3.52 2.82 -1.99
N SER A 31 3.30 3.60 -3.02
CA SER A 31 4.35 3.88 -3.99
C SER A 31 5.70 4.15 -3.32
N PRO A 32 6.77 4.19 -4.12
CA PRO A 32 8.12 4.43 -3.62
C PRO A 32 8.35 5.88 -3.23
N PHE A 33 7.36 6.70 -3.50
CA PHE A 33 7.45 8.11 -3.17
C PHE A 33 7.15 8.35 -1.69
N ALA A 34 6.69 7.29 -1.01
CA ALA A 34 6.37 7.40 0.41
C ALA A 34 7.38 6.68 1.28
N PHE A 35 8.63 6.69 0.84
CA PHE A 35 9.73 6.06 1.58
C PHE A 35 11.05 6.78 1.33
N SER A 36 10.95 8.05 0.94
CA SER A 36 12.14 8.85 0.65
C SER A 36 11.77 10.31 0.40
N GLU A 1 -1.98 -7.14 11.37
CA GLU A 1 -2.46 -6.23 10.29
C GLU A 1 -2.99 -7.03 9.10
N LEU A 2 -4.03 -6.51 8.45
CA LEU A 2 -4.62 -7.18 7.30
C LEU A 2 -3.62 -7.28 6.15
N PRO A 3 -3.88 -8.20 5.21
CA PRO A 3 -3.00 -8.41 4.05
C PRO A 3 -3.12 -7.30 3.01
N LYS A 4 -2.57 -6.13 3.33
CA LYS A 4 -2.62 -4.99 2.42
C LYS A 4 -1.93 -5.29 1.09
N LEU A 5 -2.72 -5.52 0.05
CA LEU A 5 -2.17 -5.81 -1.27
C LEU A 5 -3.19 -5.51 -2.39
N PRO A 6 -3.88 -4.34 -2.33
CA PRO A 6 -4.86 -3.95 -3.33
C PRO A 6 -4.31 -2.90 -4.30
N ASP A 7 -5.05 -2.63 -5.37
CA ASP A 7 -4.63 -1.64 -6.35
C ASP A 7 -5.63 -1.53 -7.49
N ASP A 8 -6.73 -0.81 -7.25
CA ASP A 8 -7.77 -0.62 -8.25
C ASP A 8 -8.42 0.76 -8.10
N LYS A 9 -7.61 1.75 -7.74
CA LYS A 9 -8.09 3.11 -7.56
C LYS A 9 -9.30 3.14 -6.65
N VAL A 10 -9.46 2.08 -5.85
CA VAL A 10 -10.57 1.97 -4.93
C VAL A 10 -10.07 1.75 -3.49
N LEU A 11 -8.78 1.46 -3.36
CA LEU A 11 -8.15 1.22 -2.07
C LEU A 11 -8.45 2.34 -1.07
N ILE A 12 -7.78 2.28 0.07
CA ILE A 12 -7.94 3.27 1.12
C ILE A 12 -6.58 3.75 1.62
N ARG A 13 -6.57 4.95 2.17
CA ARG A 13 -5.35 5.52 2.73
C ARG A 13 -5.32 5.28 4.23
N SER A 14 -6.50 4.98 4.79
CA SER A 14 -6.66 4.71 6.20
C SER A 14 -5.38 4.22 6.84
N ARG A 15 -5.15 2.92 6.77
CA ARG A 15 -3.95 2.32 7.33
C ARG A 15 -3.93 0.84 7.06
N SER A 16 -4.44 0.47 5.90
CA SER A 16 -4.50 -0.95 5.50
C SER A 16 -4.81 -1.09 4.03
N ASN A 17 -4.09 -0.36 3.19
CA ASN A 17 -4.32 -0.43 1.76
C ASN A 17 -3.18 0.21 0.98
N CYS A 18 -2.84 -0.39 -0.16
CA CYS A 18 -1.77 0.12 -1.01
C CYS A 18 -2.34 0.65 -2.32
N PRO A 19 -1.91 1.86 -2.74
CA PRO A 19 -2.37 2.47 -3.99
C PRO A 19 -2.01 1.64 -5.21
N LYS A 20 -2.09 2.27 -6.38
CA LYS A 20 -1.76 1.59 -7.62
C LYS A 20 -0.25 1.51 -7.83
N GLY A 21 0.20 0.41 -8.42
CA GLY A 21 1.63 0.24 -8.66
C GLY A 21 2.46 0.76 -7.52
N LYS A 22 1.92 0.67 -6.31
CA LYS A 22 2.60 1.12 -5.12
C LYS A 22 3.63 0.10 -4.66
N VAL A 23 4.09 0.26 -3.42
CA VAL A 23 5.06 -0.63 -2.87
C VAL A 23 5.14 -0.54 -1.35
N TRP A 24 4.99 -1.66 -0.67
CA TRP A 24 5.06 -1.66 0.77
C TRP A 24 6.47 -1.36 1.23
N ASN A 25 6.61 -1.05 2.50
CA ASN A 25 7.90 -0.70 3.06
C ASN A 25 7.94 -0.80 4.57
N GLY A 26 8.60 -1.83 5.07
CA GLY A 26 8.77 -2.04 6.51
C GLY A 26 7.48 -2.06 7.31
N PHE A 27 6.66 -1.04 7.16
CA PHE A 27 5.42 -0.94 7.90
C PHE A 27 4.42 -0.04 7.20
N ASP A 28 4.40 -0.08 5.87
CA ASP A 28 3.47 0.76 5.11
C ASP A 28 3.32 0.30 3.66
N CYS A 29 2.13 0.47 3.11
CA CYS A 29 1.84 0.07 1.75
C CYS A 29 1.62 1.29 0.87
N LYS A 30 2.65 1.72 0.15
CA LYS A 30 2.52 2.91 -0.69
C LYS A 30 3.63 3.03 -1.72
N SER A 31 3.35 3.75 -2.81
CA SER A 31 4.34 3.96 -3.85
C SER A 31 5.70 4.27 -3.24
N PRO A 32 6.76 4.25 -4.05
CA PRO A 32 8.11 4.53 -3.59
C PRO A 32 8.33 5.99 -3.24
N PHE A 33 7.43 6.84 -3.71
CA PHE A 33 7.51 8.26 -3.45
C PHE A 33 7.22 8.55 -1.98
N ALA A 34 6.57 7.60 -1.31
CA ALA A 34 6.23 7.76 0.09
C ALA A 34 7.11 6.89 0.98
N PHE A 35 8.41 6.90 0.69
CA PHE A 35 9.36 6.10 1.47
C PHE A 35 10.80 6.55 1.18
N SER A 36 10.99 7.85 0.99
CA SER A 36 12.31 8.40 0.71
C SER A 36 12.96 7.67 -0.45
N GLU A 1 -3.45 -13.58 8.91
CA GLU A 1 -3.54 -12.39 8.04
C GLU A 1 -2.31 -12.26 7.14
N LEU A 2 -2.54 -11.99 5.87
CA LEU A 2 -1.44 -11.84 4.91
C LEU A 2 -1.34 -10.40 4.42
N PRO A 3 -0.14 -9.99 3.99
CA PRO A 3 0.10 -8.64 3.48
C PRO A 3 -0.84 -8.27 2.35
N LYS A 4 -1.39 -7.06 2.41
CA LYS A 4 -2.31 -6.59 1.38
C LYS A 4 -1.67 -6.60 0.01
N LEU A 5 -2.50 -6.49 -1.02
CA LEU A 5 -2.03 -6.47 -2.40
C LEU A 5 -3.10 -5.94 -3.36
N PRO A 6 -3.73 -4.79 -3.04
CA PRO A 6 -4.76 -4.19 -3.86
C PRO A 6 -4.23 -3.00 -4.66
N ASP A 7 -5.13 -2.26 -5.30
CA ASP A 7 -4.73 -1.11 -6.09
C ASP A 7 -5.93 -0.43 -6.74
N ASP A 8 -6.89 -1.23 -7.21
CA ASP A 8 -8.08 -0.70 -7.85
C ASP A 8 -9.34 -1.40 -7.34
N LYS A 9 -9.48 -1.49 -6.02
CA LYS A 9 -10.65 -2.12 -5.42
C LYS A 9 -11.09 -1.35 -4.18
N VAL A 10 -10.24 -1.35 -3.16
CA VAL A 10 -10.53 -0.65 -1.92
C VAL A 10 -9.44 0.38 -1.64
N LEU A 11 -8.21 0.01 -1.95
CA LEU A 11 -7.05 0.89 -1.76
C LEU A 11 -7.24 1.82 -0.57
N ILE A 12 -7.64 1.27 0.58
CA ILE A 12 -7.84 2.09 1.77
C ILE A 12 -6.50 2.59 2.29
N ARG A 13 -6.13 3.81 1.89
CA ARG A 13 -4.88 4.40 2.35
C ARG A 13 -4.76 4.24 3.86
N SER A 14 -5.91 4.10 4.51
CA SER A 14 -5.98 3.93 5.96
C SER A 14 -4.69 3.40 6.54
N ARG A 15 -4.54 2.09 6.53
CA ARG A 15 -3.34 1.46 7.07
C ARG A 15 -3.35 -0.03 6.78
N SER A 16 -3.88 -0.37 5.62
CA SER A 16 -3.97 -1.77 5.20
C SER A 16 -4.41 -1.88 3.75
N ASN A 17 -3.68 -1.23 2.85
CA ASN A 17 -4.01 -1.26 1.45
C ASN A 17 -2.97 -0.54 0.60
N CYS A 18 -2.54 -1.19 -0.47
CA CYS A 18 -1.58 -0.61 -1.39
C CYS A 18 -2.30 -0.07 -2.61
N PRO A 19 -2.28 1.27 -2.80
CA PRO A 19 -2.95 1.92 -3.91
C PRO A 19 -2.34 1.54 -5.26
N LYS A 20 -3.02 1.89 -6.33
CA LYS A 20 -2.54 1.59 -7.67
C LYS A 20 -1.08 2.01 -7.80
N GLY A 21 -0.30 1.21 -8.50
CA GLY A 21 1.11 1.52 -8.68
C GLY A 21 1.75 1.98 -7.39
N LYS A 22 1.87 1.05 -6.44
CA LYS A 22 2.45 1.35 -5.13
C LYS A 22 3.36 0.20 -4.71
N VAL A 23 3.86 0.25 -3.48
CA VAL A 23 4.74 -0.80 -2.99
C VAL A 23 4.88 -0.72 -1.47
N TRP A 24 4.99 -1.85 -0.82
CA TRP A 24 5.12 -1.85 0.63
C TRP A 24 6.45 -1.30 1.07
N ASN A 25 6.50 -0.99 2.35
CA ASN A 25 7.68 -0.43 2.96
C ASN A 25 7.85 -1.00 4.36
N GLY A 26 8.93 -0.62 5.03
CA GLY A 26 9.15 -1.12 6.37
C GLY A 26 7.88 -1.31 7.16
N PHE A 27 6.85 -0.52 6.86
CA PHE A 27 5.58 -0.63 7.57
C PHE A 27 4.44 0.07 6.83
N ASP A 28 4.35 -0.10 5.50
CA ASP A 28 3.27 0.56 4.75
C ASP A 28 3.19 0.12 3.30
N CYS A 29 1.96 -0.18 2.84
CA CYS A 29 1.74 -0.58 1.45
C CYS A 29 1.46 0.63 0.59
N LYS A 30 2.51 1.25 0.09
CA LYS A 30 2.36 2.45 -0.74
C LYS A 30 3.65 2.77 -1.51
N SER A 31 3.51 3.38 -2.68
CA SER A 31 4.67 3.73 -3.47
C SER A 31 5.78 4.29 -2.57
N PRO A 32 6.82 3.50 -2.32
CA PRO A 32 7.94 3.90 -1.46
C PRO A 32 8.59 5.21 -1.90
N PHE A 33 8.49 5.51 -3.18
CA PHE A 33 9.06 6.75 -3.70
C PHE A 33 8.84 7.88 -2.71
N ALA A 34 7.69 7.84 -2.05
CA ALA A 34 7.34 8.87 -1.08
C ALA A 34 7.38 8.33 0.34
N PHE A 35 8.55 7.86 0.76
CA PHE A 35 8.72 7.31 2.10
C PHE A 35 10.14 7.53 2.61
N SER A 36 10.46 8.77 2.95
CA SER A 36 11.78 9.12 3.46
C SER A 36 12.87 8.42 2.65
N GLU A 1 -0.73 -9.35 10.45
CA GLU A 1 -0.57 -8.61 9.17
C GLU A 1 -0.49 -9.56 7.98
N LEU A 2 -1.27 -9.26 6.95
CA LEU A 2 -1.29 -10.08 5.75
C LEU A 2 -0.53 -9.41 4.62
N PRO A 3 -0.16 -10.17 3.58
CA PRO A 3 0.59 -9.65 2.43
C PRO A 3 -0.32 -8.97 1.41
N LYS A 4 -1.03 -7.92 1.84
CA LYS A 4 -1.92 -7.19 0.95
C LYS A 4 -1.18 -6.77 -0.33
N LEU A 5 -1.91 -6.58 -1.41
CA LEU A 5 -1.32 -6.18 -2.68
C LEU A 5 -2.38 -5.69 -3.67
N PRO A 6 -3.26 -4.76 -3.25
CA PRO A 6 -4.29 -4.21 -4.11
C PRO A 6 -3.84 -2.90 -4.74
N ASP A 7 -4.80 -2.11 -5.21
CA ASP A 7 -4.47 -0.84 -5.84
C ASP A 7 -5.73 -0.02 -6.13
N ASP A 8 -6.51 -0.46 -7.10
CA ASP A 8 -7.74 0.23 -7.46
C ASP A 8 -8.96 -0.68 -7.33
N LYS A 9 -9.09 -1.31 -6.16
CA LYS A 9 -10.21 -2.20 -5.90
C LYS A 9 -10.70 -2.07 -4.46
N VAL A 10 -9.79 -2.25 -3.52
CA VAL A 10 -10.12 -2.16 -2.11
C VAL A 10 -9.23 -1.16 -1.38
N LEU A 11 -8.34 -0.51 -2.14
CA LEU A 11 -7.41 0.46 -1.59
C LEU A 11 -7.93 1.11 -0.31
N ILE A 12 -7.43 0.63 0.83
CA ILE A 12 -7.82 1.16 2.12
C ILE A 12 -6.61 1.61 2.92
N ARG A 13 -6.56 2.89 3.23
CA ARG A 13 -5.45 3.43 4.02
C ARG A 13 -5.49 2.82 5.42
N SER A 14 -6.63 2.21 5.75
CA SER A 14 -6.84 1.57 7.04
C SER A 14 -5.53 1.10 7.65
N ARG A 15 -5.09 -0.08 7.25
CA ARG A 15 -3.84 -0.64 7.76
C ARG A 15 -3.56 -1.99 7.15
N SER A 16 -3.94 -2.14 5.90
CA SER A 16 -3.73 -3.40 5.19
C SER A 16 -4.03 -3.28 3.70
N ASN A 17 -3.46 -2.28 3.04
CA ASN A 17 -3.69 -2.11 1.61
C ASN A 17 -2.62 -1.24 0.96
N CYS A 18 -2.51 -1.38 -0.35
CA CYS A 18 -1.55 -0.63 -1.15
C CYS A 18 -2.25 0.02 -2.33
N PRO A 19 -2.05 1.34 -2.53
CA PRO A 19 -2.69 2.08 -3.63
C PRO A 19 -2.27 1.56 -5.01
N LYS A 20 -2.52 2.38 -6.03
CA LYS A 20 -2.16 2.01 -7.39
C LYS A 20 -0.65 2.11 -7.59
N GLY A 21 -0.10 1.19 -8.38
CA GLY A 21 1.34 1.19 -8.61
C GLY A 21 2.10 1.65 -7.38
N LYS A 22 2.13 0.80 -6.36
CA LYS A 22 2.78 1.13 -5.12
C LYS A 22 3.72 0.03 -4.67
N VAL A 23 4.18 0.13 -3.43
CA VAL A 23 5.11 -0.85 -2.87
C VAL A 23 5.17 -0.73 -1.35
N TRP A 24 5.00 -1.84 -0.66
CA TRP A 24 5.05 -1.80 0.79
C TRP A 24 6.44 -1.50 1.29
N ASN A 25 6.49 -1.13 2.55
CA ASN A 25 7.73 -0.78 3.22
C ASN A 25 7.72 -1.28 4.65
N GLY A 26 8.76 -1.00 5.39
CA GLY A 26 8.84 -1.44 6.76
C GLY A 26 7.49 -1.54 7.47
N PHE A 27 6.54 -0.66 7.12
CA PHE A 27 5.23 -0.69 7.77
C PHE A 27 4.18 0.09 7.00
N ASP A 28 4.16 -0.05 5.66
CA ASP A 28 3.18 0.70 4.87
C ASP A 28 3.16 0.26 3.41
N CYS A 29 1.95 0.11 2.86
CA CYS A 29 1.78 -0.28 1.47
C CYS A 29 1.52 0.94 0.59
N LYS A 30 2.57 1.49 -0.02
CA LYS A 30 2.44 2.66 -0.89
C LYS A 30 3.65 2.85 -1.78
N SER A 31 3.47 3.63 -2.82
CA SER A 31 4.52 3.91 -3.79
C SER A 31 5.85 4.19 -3.09
N PRO A 32 6.96 4.09 -3.83
CA PRO A 32 8.30 4.34 -3.29
C PRO A 32 8.59 5.81 -3.09
N PHE A 33 7.83 6.64 -3.77
CA PHE A 33 8.00 8.08 -3.67
C PHE A 33 7.62 8.55 -2.27
N ALA A 34 6.92 7.69 -1.53
CA ALA A 34 6.49 8.01 -0.19
C ALA A 34 7.28 7.20 0.84
N PHE A 35 8.58 7.13 0.63
CA PHE A 35 9.48 6.40 1.54
C PHE A 35 10.93 6.77 1.29
N SER A 36 11.17 8.07 1.10
CA SER A 36 12.52 8.57 0.85
C SER A 36 12.94 9.55 1.95
N GLU A 1 -0.65 -15.98 6.66
CA GLU A 1 -1.38 -15.08 5.73
C GLU A 1 -0.40 -14.18 4.96
N LEU A 2 -0.80 -13.76 3.77
CA LEU A 2 0.03 -12.90 2.94
C LEU A 2 -0.42 -11.45 3.03
N PRO A 3 0.50 -10.51 2.75
CA PRO A 3 0.22 -9.07 2.80
C PRO A 3 -0.75 -8.61 1.71
N LYS A 4 -1.01 -7.31 1.68
CA LYS A 4 -1.93 -6.72 0.71
C LYS A 4 -1.18 -6.11 -0.47
N LEU A 5 -1.90 -5.91 -1.57
CA LEU A 5 -1.34 -5.30 -2.77
C LEU A 5 -2.43 -4.86 -3.72
N PRO A 6 -3.43 -4.09 -3.23
CA PRO A 6 -4.53 -3.60 -4.05
C PRO A 6 -4.19 -2.27 -4.72
N ASP A 7 -5.20 -1.59 -5.24
CA ASP A 7 -4.97 -0.30 -5.90
C ASP A 7 -6.28 0.36 -6.31
N ASP A 8 -7.07 -0.34 -7.12
CA ASP A 8 -8.34 0.20 -7.60
C ASP A 8 -9.51 -0.71 -7.26
N LYS A 9 -9.74 -0.91 -5.97
CA LYS A 9 -10.84 -1.75 -5.52
C LYS A 9 -11.22 -1.44 -4.07
N VAL A 10 -10.28 -1.62 -3.15
CA VAL A 10 -10.52 -1.38 -1.74
C VAL A 10 -9.50 -0.43 -1.13
N LEU A 11 -8.59 0.08 -1.96
CA LEU A 11 -7.53 0.99 -1.51
C LEU A 11 -7.93 1.72 -0.23
N ILE A 12 -7.36 1.30 0.89
CA ILE A 12 -7.63 1.90 2.19
C ILE A 12 -6.35 2.19 2.95
N ARG A 13 -6.10 3.46 3.24
CA ARG A 13 -4.92 3.83 4.00
C ARG A 13 -4.98 3.20 5.37
N SER A 14 -6.20 2.81 5.77
CA SER A 14 -6.46 2.19 7.06
C SER A 14 -5.21 1.58 7.65
N ARG A 15 -4.94 0.35 7.28
CA ARG A 15 -3.75 -0.35 7.77
C ARG A 15 -3.65 -1.74 7.16
N SER A 16 -4.08 -1.84 5.92
CA SER A 16 -4.04 -3.11 5.20
C SER A 16 -4.34 -2.94 3.73
N ASN A 17 -3.66 -2.01 3.08
CA ASN A 17 -3.87 -1.77 1.66
C ASN A 17 -2.76 -0.93 1.07
N CYS A 18 -2.73 -0.89 -0.27
CA CYS A 18 -1.72 -0.12 -1.00
C CYS A 18 -2.36 0.51 -2.24
N PRO A 19 -1.93 1.73 -2.59
CA PRO A 19 -2.45 2.44 -3.76
C PRO A 19 -2.19 1.69 -5.05
N LYS A 20 -2.00 2.44 -6.14
CA LYS A 20 -1.74 1.86 -7.45
C LYS A 20 -0.24 1.65 -7.67
N GLY A 21 0.12 0.53 -8.30
CA GLY A 21 1.52 0.25 -8.56
C GLY A 21 2.43 0.79 -7.47
N LYS A 22 1.95 0.68 -6.24
CA LYS A 22 2.69 1.18 -5.08
C LYS A 22 3.76 0.20 -4.65
N VAL A 23 4.28 0.40 -3.44
CA VAL A 23 5.32 -0.44 -2.90
C VAL A 23 5.35 -0.37 -1.37
N TRP A 24 5.13 -1.50 -0.73
CA TRP A 24 5.12 -1.56 0.72
C TRP A 24 6.51 -1.33 1.29
N ASN A 25 6.55 -1.18 2.60
CA ASN A 25 7.79 -0.94 3.33
C ASN A 25 7.69 -1.51 4.73
N GLY A 26 8.75 -1.39 5.50
CA GLY A 26 8.76 -1.92 6.85
C GLY A 26 7.37 -1.99 7.51
N PHE A 27 6.51 -1.01 7.25
CA PHE A 27 5.18 -1.01 7.84
C PHE A 27 4.24 -0.07 7.10
N ASP A 28 4.22 -0.13 5.76
CA ASP A 28 3.35 0.76 4.99
C ASP A 28 3.27 0.36 3.53
N CYS A 29 2.07 0.38 2.98
CA CYS A 29 1.85 0.02 1.58
C CYS A 29 1.66 1.28 0.73
N LYS A 30 2.72 1.74 0.08
CA LYS A 30 2.63 2.95 -0.73
C LYS A 30 3.77 3.08 -1.74
N SER A 31 3.44 3.55 -2.93
CA SER A 31 4.42 3.73 -4.01
C SER A 31 5.74 4.29 -3.51
N PRO A 32 6.75 4.35 -4.40
CA PRO A 32 8.09 4.87 -4.08
C PRO A 32 8.09 6.35 -3.80
N PHE A 33 6.93 6.98 -3.97
CA PHE A 33 6.79 8.40 -3.71
C PHE A 33 7.00 8.65 -2.23
N ALA A 34 6.69 7.62 -1.45
CA ALA A 34 6.83 7.66 0.00
C ALA A 34 8.20 7.17 0.43
N PHE A 35 8.26 6.59 1.61
CA PHE A 35 9.48 6.06 2.19
C PHE A 35 10.57 5.83 1.13
N SER A 36 10.42 4.74 0.39
CA SER A 36 11.37 4.40 -0.66
C SER A 36 10.65 3.97 -1.93
N GLU A 1 -3.15 -8.32 10.73
CA GLU A 1 -1.98 -8.12 9.83
C GLU A 1 -2.07 -9.04 8.61
N LEU A 2 -2.95 -8.71 7.69
CA LEU A 2 -3.13 -9.50 6.47
C LEU A 2 -2.29 -8.95 5.33
N PRO A 3 -1.49 -9.79 4.69
CA PRO A 3 -0.63 -9.39 3.57
C PRO A 3 -1.43 -8.76 2.43
N LYS A 4 -1.53 -7.44 2.45
CA LYS A 4 -2.27 -6.71 1.43
C LYS A 4 -1.45 -6.54 0.16
N LEU A 5 -2.14 -6.37 -0.96
CA LEU A 5 -1.50 -6.18 -2.25
C LEU A 5 -2.51 -5.73 -3.30
N PRO A 6 -3.29 -4.67 -3.01
CA PRO A 6 -4.29 -4.13 -3.92
C PRO A 6 -3.78 -2.89 -4.64
N ASP A 7 -4.67 -2.20 -5.35
CA ASP A 7 -4.28 -1.00 -6.07
C ASP A 7 -5.47 -0.39 -6.82
N ASP A 8 -6.26 -1.26 -7.45
CA ASP A 8 -7.42 -0.82 -8.21
C ASP A 8 -8.68 -1.55 -7.75
N LYS A 9 -8.88 -1.62 -6.44
CA LYS A 9 -10.04 -2.30 -5.88
C LYS A 9 -10.62 -1.49 -4.72
N VAL A 10 -9.82 -1.29 -3.69
CA VAL A 10 -10.25 -0.54 -2.52
C VAL A 10 -9.12 0.33 -1.97
N LEU A 11 -7.89 -0.18 -2.05
CA LEU A 11 -6.72 0.54 -1.57
C LEU A 11 -7.05 1.38 -0.34
N ILE A 12 -7.53 0.73 0.72
CA ILE A 12 -7.86 1.45 1.96
C ILE A 12 -6.61 1.98 2.63
N ARG A 13 -6.42 3.29 2.54
CA ARG A 13 -5.27 3.92 3.18
C ARG A 13 -5.25 3.60 4.66
N SER A 14 -6.41 3.19 5.18
CA SER A 14 -6.57 2.84 6.58
C SER A 14 -5.25 2.38 7.19
N ARG A 15 -4.94 1.11 6.98
CA ARG A 15 -3.71 0.55 7.50
C ARG A 15 -3.55 -0.90 7.09
N SER A 16 -4.05 -1.20 5.90
CA SER A 16 -3.97 -2.56 5.37
C SER A 16 -4.24 -2.59 3.87
N ASN A 17 -3.55 -1.76 3.12
CA ASN A 17 -3.73 -1.71 1.67
C ASN A 17 -2.63 -0.90 0.99
N CYS A 18 -2.50 -1.12 -0.31
CA CYS A 18 -1.50 -0.43 -1.12
C CYS A 18 -2.18 0.23 -2.33
N PRO A 19 -1.90 1.52 -2.56
CA PRO A 19 -2.47 2.28 -3.67
C PRO A 19 -2.12 1.67 -5.04
N LYS A 20 -2.44 2.40 -6.10
CA LYS A 20 -2.15 1.96 -7.45
C LYS A 20 -0.65 1.94 -7.68
N GLY A 21 -0.16 0.93 -8.41
CA GLY A 21 1.27 0.83 -8.68
C GLY A 21 2.09 1.37 -7.54
N LYS A 22 2.21 0.58 -6.47
CA LYS A 22 2.93 1.02 -5.29
C LYS A 22 3.84 -0.07 -4.74
N VAL A 23 4.27 0.10 -3.49
CA VAL A 23 5.17 -0.86 -2.87
C VAL A 23 5.21 -0.71 -1.35
N TRP A 24 4.99 -1.79 -0.63
CA TRP A 24 5.02 -1.75 0.82
C TRP A 24 6.42 -1.49 1.33
N ASN A 25 6.48 -1.16 2.59
CA ASN A 25 7.72 -0.84 3.28
C ASN A 25 7.69 -1.37 4.70
N GLY A 26 8.76 -1.16 5.45
CA GLY A 26 8.83 -1.64 6.81
C GLY A 26 7.48 -1.71 7.51
N PHE A 27 6.55 -0.80 7.22
CA PHE A 27 5.26 -0.80 7.86
C PHE A 27 4.22 0.01 7.11
N ASP A 28 4.16 -0.13 5.77
CA ASP A 28 3.18 0.63 4.99
C ASP A 28 3.13 0.21 3.54
N CYS A 29 1.94 0.23 2.95
CA CYS A 29 1.76 -0.15 1.55
C CYS A 29 1.52 1.07 0.67
N LYS A 30 2.57 1.56 0.02
CA LYS A 30 2.44 2.73 -0.87
C LYS A 30 3.61 2.86 -1.82
N SER A 31 3.46 3.75 -2.78
CA SER A 31 4.48 3.99 -3.78
C SER A 31 5.82 4.32 -3.13
N PRO A 32 6.92 4.24 -3.90
CA PRO A 32 8.26 4.53 -3.41
C PRO A 32 8.49 6.01 -3.20
N PHE A 33 7.60 6.82 -3.76
CA PHE A 33 7.71 8.26 -3.62
C PHE A 33 7.46 8.69 -2.18
N ALA A 34 6.80 7.81 -1.43
CA ALA A 34 6.49 8.09 -0.04
C ALA A 34 7.31 7.21 0.90
N PHE A 35 8.59 7.04 0.55
CA PHE A 35 9.50 6.23 1.35
C PHE A 35 10.94 6.49 0.95
N SER A 36 11.17 6.68 -0.35
CA SER A 36 12.50 6.95 -0.86
C SER A 36 12.44 7.46 -2.30
N GLU A 1 -3.90 -11.58 9.36
CA GLU A 1 -3.49 -10.43 8.51
C GLU A 1 -2.56 -10.88 7.37
N LEU A 2 -3.02 -10.73 6.15
CA LEU A 2 -2.24 -11.12 4.98
C LEU A 2 -1.70 -9.89 4.25
N PRO A 3 -0.52 -10.01 3.63
CA PRO A 3 0.11 -8.92 2.90
C PRO A 3 -0.78 -8.35 1.81
N LYS A 4 -1.43 -7.22 2.10
CA LYS A 4 -2.32 -6.57 1.15
C LYS A 4 -1.56 -6.21 -0.12
N LEU A 5 -2.26 -6.27 -1.25
CA LEU A 5 -1.65 -5.95 -2.54
C LEU A 5 -2.64 -5.29 -3.50
N PRO A 6 -3.60 -4.48 -2.99
CA PRO A 6 -4.57 -3.80 -3.84
C PRO A 6 -3.92 -2.64 -4.59
N ASP A 7 -4.66 -2.03 -5.51
CA ASP A 7 -4.13 -0.92 -6.29
C ASP A 7 -5.20 -0.27 -7.15
N ASP A 8 -5.97 -1.09 -7.85
CA ASP A 8 -7.02 -0.60 -8.71
C ASP A 8 -8.36 -1.27 -8.40
N LYS A 9 -8.64 -1.45 -7.11
CA LYS A 9 -9.88 -2.08 -6.68
C LYS A 9 -10.58 -1.25 -5.61
N VAL A 10 -9.91 -1.09 -4.47
CA VAL A 10 -10.46 -0.32 -3.37
C VAL A 10 -9.42 0.64 -2.80
N LEU A 11 -8.17 0.18 -2.76
CA LEU A 11 -7.06 0.97 -2.25
C LEU A 11 -7.50 1.92 -1.13
N ILE A 12 -7.30 1.48 0.11
CA ILE A 12 -7.64 2.29 1.28
C ILE A 12 -6.39 2.68 2.03
N ARG A 13 -6.36 3.93 2.51
CA ARG A 13 -5.23 4.40 3.29
C ARG A 13 -5.33 3.86 4.70
N SER A 14 -6.52 3.38 5.05
CA SER A 14 -6.80 2.81 6.36
C SER A 14 -5.53 2.40 7.09
N ARG A 15 -5.12 1.16 6.86
CA ARG A 15 -3.92 0.63 7.49
C ARG A 15 -3.69 -0.81 7.06
N SER A 16 -4.04 -1.07 5.81
CA SER A 16 -3.88 -2.41 5.25
C SER A 16 -4.27 -2.42 3.77
N ASN A 17 -3.74 -1.46 3.03
CA ASN A 17 -4.04 -1.36 1.61
C ASN A 17 -2.99 -0.57 0.86
N CYS A 18 -2.54 -1.12 -0.27
CA CYS A 18 -1.54 -0.46 -1.09
C CYS A 18 -2.21 0.21 -2.29
N PRO A 19 -1.92 1.50 -2.52
CA PRO A 19 -2.50 2.26 -3.63
C PRO A 19 -2.06 1.74 -4.99
N LYS A 20 -2.23 2.56 -6.02
CA LYS A 20 -1.84 2.19 -7.38
C LYS A 20 -0.33 2.29 -7.55
N GLY A 21 0.22 1.39 -8.36
CA GLY A 21 1.65 1.40 -8.59
C GLY A 21 2.43 1.68 -7.32
N LYS A 22 1.93 1.14 -6.21
CA LYS A 22 2.55 1.34 -4.92
C LYS A 22 3.45 0.17 -4.55
N VAL A 23 3.96 0.19 -3.32
CA VAL A 23 4.82 -0.86 -2.82
C VAL A 23 4.90 -0.79 -1.30
N TRP A 24 4.94 -1.92 -0.64
CA TRP A 24 5.02 -1.92 0.81
C TRP A 24 6.40 -1.51 1.30
N ASN A 25 6.46 -1.19 2.56
CA ASN A 25 7.68 -0.75 3.22
C ASN A 25 7.72 -1.34 4.63
N GLY A 26 8.81 -1.11 5.34
CA GLY A 26 8.94 -1.62 6.68
C GLY A 26 7.61 -1.75 7.43
N PHE A 27 6.65 -0.85 7.15
CA PHE A 27 5.37 -0.90 7.83
C PHE A 27 4.30 -0.10 7.09
N ASP A 28 4.23 -0.22 5.77
CA ASP A 28 3.22 0.53 5.01
C ASP A 28 3.15 0.11 3.55
N CYS A 29 1.95 0.11 2.99
CA CYS A 29 1.76 -0.26 1.59
C CYS A 29 1.60 0.99 0.73
N LYS A 30 2.70 1.46 0.14
CA LYS A 30 2.69 2.67 -0.67
C LYS A 30 3.92 2.79 -1.58
N SER A 31 3.71 3.28 -2.80
CA SER A 31 4.79 3.45 -3.76
C SER A 31 6.08 3.92 -3.08
N PRO A 32 7.21 3.89 -3.80
CA PRO A 32 8.50 4.31 -3.27
C PRO A 32 8.67 5.82 -3.24
N PHE A 33 7.89 6.49 -4.07
CA PHE A 33 7.92 7.94 -4.13
C PHE A 33 7.32 8.54 -2.86
N ALA A 34 6.77 7.68 -2.01
CA ALA A 34 6.15 8.10 -0.77
C ALA A 34 6.71 7.35 0.43
N PHE A 35 8.04 7.23 0.49
CA PHE A 35 8.70 6.55 1.59
C PHE A 35 10.12 7.07 1.78
N SER A 36 10.25 8.39 1.88
CA SER A 36 11.55 9.03 2.06
C SER A 36 12.53 8.59 0.96
N GLU A 1 -5.97 -9.17 7.18
CA GLU A 1 -5.33 -8.66 5.95
C GLU A 1 -4.04 -7.90 6.26
N LEU A 2 -3.02 -8.64 6.72
CA LEU A 2 -1.74 -8.04 7.07
C LEU A 2 -0.90 -7.82 5.81
N PRO A 3 -0.86 -8.82 4.92
CA PRO A 3 -0.10 -8.74 3.68
C PRO A 3 -0.94 -8.20 2.53
N LYS A 4 -1.34 -6.93 2.65
CA LYS A 4 -2.16 -6.28 1.65
C LYS A 4 -1.36 -5.96 0.39
N LEU A 5 -1.98 -6.18 -0.76
CA LEU A 5 -1.35 -5.91 -2.04
C LEU A 5 -2.37 -5.45 -3.09
N PRO A 6 -3.45 -4.73 -2.68
CA PRO A 6 -4.46 -4.25 -3.62
C PRO A 6 -3.98 -3.04 -4.39
N ASP A 7 -4.87 -2.44 -5.18
CA ASP A 7 -4.51 -1.27 -5.95
C ASP A 7 -5.70 -0.76 -6.78
N ASP A 8 -6.28 -1.66 -7.56
CA ASP A 8 -7.42 -1.31 -8.40
C ASP A 8 -8.65 -2.12 -8.02
N LYS A 9 -8.68 -2.61 -6.79
CA LYS A 9 -9.80 -3.42 -6.31
C LYS A 9 -10.52 -2.71 -5.17
N VAL A 10 -9.77 -2.31 -4.15
CA VAL A 10 -10.33 -1.64 -2.99
C VAL A 10 -9.47 -0.45 -2.60
N LEU A 11 -8.15 -0.66 -2.61
CA LEU A 11 -7.19 0.38 -2.26
C LEU A 11 -7.76 1.29 -1.17
N ILE A 12 -7.56 0.90 0.08
CA ILE A 12 -8.04 1.68 1.21
C ILE A 12 -6.88 2.24 2.03
N ARG A 13 -7.13 3.36 2.69
CA ARG A 13 -6.13 3.98 3.54
C ARG A 13 -6.26 3.43 4.95
N SER A 14 -7.38 2.76 5.20
CA SER A 14 -7.68 2.15 6.50
C SER A 14 -6.41 1.88 7.29
N ARG A 15 -5.84 0.71 7.07
CA ARG A 15 -4.62 0.32 7.76
C ARG A 15 -4.16 -1.05 7.29
N SER A 16 -4.36 -1.30 6.02
CA SER A 16 -3.97 -2.58 5.42
C SER A 16 -4.30 -2.63 3.93
N ASN A 17 -3.81 -1.64 3.18
CA ASN A 17 -4.07 -1.60 1.76
C ASN A 17 -3.03 -0.75 1.03
N CYS A 18 -2.75 -1.11 -0.22
CA CYS A 18 -1.78 -0.39 -1.03
C CYS A 18 -2.44 0.23 -2.25
N PRO A 19 -2.19 1.53 -2.50
CA PRO A 19 -2.75 2.25 -3.64
C PRO A 19 -2.41 1.61 -4.98
N LYS A 20 -2.23 2.44 -6.01
CA LYS A 20 -1.89 1.97 -7.35
C LYS A 20 -0.38 1.87 -7.54
N GLY A 21 0.06 0.87 -8.30
CA GLY A 21 1.48 0.68 -8.54
C GLY A 21 2.33 1.12 -7.38
N LYS A 22 1.90 0.74 -6.18
CA LYS A 22 2.59 1.11 -4.95
C LYS A 22 3.72 0.13 -4.64
N VAL A 23 4.23 0.22 -3.42
CA VAL A 23 5.31 -0.60 -2.94
C VAL A 23 5.34 -0.58 -1.42
N TRP A 24 5.13 -1.71 -0.79
CA TRP A 24 5.13 -1.74 0.66
C TRP A 24 6.51 -1.49 1.21
N ASN A 25 6.54 -1.20 2.50
CA ASN A 25 7.78 -0.89 3.21
C ASN A 25 7.70 -1.43 4.63
N GLY A 26 8.77 -1.28 5.39
CA GLY A 26 8.78 -1.77 6.76
C GLY A 26 7.43 -1.73 7.43
N PHE A 27 6.58 -0.75 7.07
CA PHE A 27 5.27 -0.62 7.67
C PHE A 27 4.35 0.28 6.85
N ASP A 28 4.28 0.07 5.53
CA ASP A 28 3.41 0.92 4.70
C ASP A 28 3.32 0.41 3.27
N CYS A 29 2.08 0.26 2.80
CA CYS A 29 1.83 -0.21 1.44
C CYS A 29 1.53 0.95 0.50
N LYS A 30 2.57 1.52 -0.11
CA LYS A 30 2.38 2.63 -1.05
C LYS A 30 3.60 2.87 -1.89
N SER A 31 3.40 3.62 -2.96
CA SER A 31 4.47 3.94 -3.88
C SER A 31 5.79 4.18 -3.13
N PRO A 32 6.92 4.05 -3.82
CA PRO A 32 8.24 4.24 -3.22
C PRO A 32 8.63 5.70 -3.09
N PHE A 33 7.74 6.58 -3.53
CA PHE A 33 7.98 8.00 -3.46
C PHE A 33 7.60 8.53 -2.08
N ALA A 34 6.77 7.77 -1.38
CA ALA A 34 6.33 8.15 -0.05
C ALA A 34 7.14 7.45 1.03
N PHE A 35 8.38 7.15 0.68
CA PHE A 35 9.31 6.48 1.60
C PHE A 35 10.73 6.57 1.08
N SER A 36 11.02 7.61 0.30
CA SER A 36 12.35 7.79 -0.28
C SER A 36 12.42 9.09 -1.07
#